data_5AY7
#
_entry.id   5AY7
#
_cell.length_a   59.434
_cell.length_b   78.346
_cell.length_c   89.296
_cell.angle_alpha   90.00
_cell.angle_beta   103.15
_cell.angle_gamma   90.00
#
_symmetry.space_group_name_H-M   'P 1 21 1'
#
loop_
_entity.id
_entity.type
_entity.pdbx_description
1 polymer xylanase
2 water water
#
_entity_poly.entity_id   1
_entity_poly.type   'polypeptide(L)'
_entity_poly.pdbx_seq_one_letter_code
;MAHHHHHHVDDDDKMAQGLKDAYKDYFKIGVAVNNRNVADPDQIKVVLREFNSITAENAMKPQPTEPKKGEFNWEDADKI
ADFCRANGIKMRGHTLMWHSQIGSWMYQDEKGNLLSKEEFYANMKHHIQAIVNRYKDVVYCWDVVNEAVADSPVYPGRPE
LRNSPMYQIAGEEFIYKAFEYAHEADPDALLFYNDYNDAEPAKSQRIYNLVKRMKDAGVPIDGIGMQAHYNVYGPTMKEV
DDAIKLYSTVVDHIHLTELDIRINEDMGGGLRFNQGQATVSDWERTLQQDQYVQLFKVLRKHKDVIDCVTFWNVSDKDSW
LGVRNYPLLFDENYKPKQAYNAVKNFDPKMDNAVI
;
_entity_poly.pdbx_strand_id   A,B
#
# COMPACT_ATOMS: atom_id res chain seq x y z
N GLY A 18 22.96 35.11 7.90
CA GLY A 18 22.36 33.74 7.97
C GLY A 18 21.99 33.14 6.62
N LEU A 19 22.52 31.95 6.32
CA LEU A 19 22.19 31.20 5.09
C LEU A 19 20.69 30.86 4.97
N LYS A 20 20.07 30.50 6.08
CA LYS A 20 18.65 30.17 6.09
C LYS A 20 17.82 31.34 5.61
N ASP A 21 18.29 32.57 5.89
CA ASP A 21 17.59 33.84 5.55
C ASP A 21 17.75 34.17 4.08
N ALA A 22 18.99 34.07 3.59
CA ALA A 22 19.29 34.31 2.21
C ALA A 22 18.58 33.36 1.26
N TYR A 23 18.09 32.24 1.78
CA TYR A 23 17.39 31.24 0.98
C TYR A 23 15.96 31.03 1.46
N LYS A 24 15.48 31.96 2.29
CA LYS A 24 14.10 31.98 2.79
C LYS A 24 13.08 31.56 1.74
N ASP A 25 13.20 32.13 0.55
CA ASP A 25 12.21 31.92 -0.51
C ASP A 25 12.49 30.67 -1.37
N TYR A 26 13.48 29.87 -0.98
CA TYR A 26 13.91 28.75 -1.84
C TYR A 26 13.75 27.38 -1.15
N PHE A 27 14.48 27.21 -0.07
CA PHE A 27 14.42 25.99 0.76
C PHE A 27 15.11 26.24 2.09
N LYS A 28 14.84 25.39 3.07
CA LYS A 28 15.59 25.43 4.34
C LYS A 28 17.05 25.10 4.11
N ILE A 29 17.90 25.58 4.99
CA ILE A 29 19.30 25.27 4.95
C ILE A 29 19.55 24.57 6.28
N GLY A 30 20.09 23.37 6.20
CA GLY A 30 20.16 22.48 7.36
C GLY A 30 21.57 22.13 7.75
N VAL A 31 21.73 21.55 8.94
CA VAL A 31 22.99 20.97 9.30
C VAL A 31 22.84 19.74 10.21
N ALA A 32 23.74 18.77 10.05
CA ALA A 32 23.77 17.60 10.92
C ALA A 32 24.71 17.83 12.09
N VAL A 33 24.25 17.59 13.31
CA VAL A 33 24.98 18.00 14.49
C VAL A 33 25.46 16.86 15.39
N ASN A 34 26.56 17.10 16.11
CA ASN A 34 27.09 16.17 17.10
C ASN A 34 26.76 16.77 18.45
N ASN A 35 27.07 16.04 19.52
CA ASN A 35 26.66 16.47 20.86
C ASN A 35 27.18 17.86 21.25
N ARG A 36 28.41 18.15 20.85
CA ARG A 36 29.06 19.42 21.15
C ARG A 36 28.42 20.56 20.40
N ASN A 37 28.13 20.33 19.13
CA ASN A 37 27.57 21.38 18.29
C ASN A 37 26.39 22.06 18.94
N VAL A 38 25.68 21.36 19.82
CA VAL A 38 24.53 21.94 20.50
C VAL A 38 24.70 22.19 22.00
N ALA A 39 25.92 22.03 22.50
CA ALA A 39 26.24 22.27 23.91
C ALA A 39 27.29 23.39 24.10
N ASP A 40 28.08 23.70 23.07
CA ASP A 40 29.12 24.70 23.14
C ASP A 40 28.59 26.05 22.61
N PRO A 41 28.65 27.14 23.42
CA PRO A 41 28.01 28.38 22.99
C PRO A 41 28.65 29.01 21.76
N ASP A 42 29.91 28.68 21.50
CA ASP A 42 30.58 29.11 20.26
C ASP A 42 29.95 28.46 19.06
N GLN A 43 29.71 27.15 19.17
CA GLN A 43 29.19 26.38 18.06
C GLN A 43 27.70 26.63 17.92
N ILE A 44 27.04 26.81 19.06
CA ILE A 44 25.61 27.09 19.09
C ILE A 44 25.28 28.41 18.37
N LYS A 45 26.13 29.43 18.58
CA LYS A 45 25.93 30.74 17.96
C LYS A 45 25.85 30.59 16.44
N VAL A 46 26.81 29.85 15.89
CA VAL A 46 26.86 29.60 14.45
C VAL A 46 25.65 28.78 13.95
N VAL A 47 25.32 27.74 14.68
CA VAL A 47 24.23 26.85 14.27
C VAL A 47 22.93 27.64 14.22
N LEU A 48 22.67 28.37 15.30
CA LEU A 48 21.47 29.17 15.37
C LEU A 48 21.46 30.29 14.34
N ARG A 49 22.61 30.89 14.06
CA ARG A 49 22.60 31.94 13.04
C ARG A 49 22.19 31.37 11.70
N GLU A 50 22.84 30.28 11.29
CA GLU A 50 22.86 29.84 9.87
C GLU A 50 21.76 28.87 9.41
N PHE A 51 21.23 28.04 10.31
CA PHE A 51 20.44 26.88 9.89
C PHE A 51 19.04 26.89 10.46
N ASN A 52 18.07 26.45 9.68
CA ASN A 52 16.71 26.28 10.16
C ASN A 52 16.25 24.83 10.06
N SER A 53 17.19 23.89 10.10
CA SER A 53 16.87 22.46 10.04
C SER A 53 18.05 21.73 10.63
N ILE A 54 17.77 20.78 11.53
CA ILE A 54 18.78 19.97 12.15
C ILE A 54 18.54 18.50 11.90
N THR A 55 19.62 17.78 11.63
CA THR A 55 19.65 16.34 11.68
C THR A 55 20.67 15.88 12.75
N ALA A 56 20.32 14.86 13.51
CA ALA A 56 21.30 14.20 14.34
C ALA A 56 22.28 13.45 13.47
N GLU A 57 23.56 13.70 13.66
CA GLU A 57 24.61 13.03 12.89
C GLU A 57 24.65 11.58 13.25
N ASN A 58 24.56 11.27 14.54
CA ASN A 58 24.56 9.87 14.97
C ASN A 58 23.50 9.51 16.05
N ALA A 59 22.97 10.50 16.76
CA ALA A 59 22.17 10.21 17.95
C ALA A 59 20.83 9.48 17.70
N MET A 60 20.39 9.42 16.43
CA MET A 60 19.09 8.82 16.13
C MET A 60 19.10 7.56 15.26
N LYS A 61 20.29 7.02 14.99
CA LYS A 61 20.43 5.81 14.19
C LYS A 61 20.05 4.60 15.05
N PRO A 62 20.04 3.41 14.44
CA PRO A 62 19.42 2.32 15.19
C PRO A 62 20.24 1.77 16.34
N GLN A 63 21.52 1.59 16.17
CA GLN A 63 22.39 1.11 17.23
C GLN A 63 22.62 2.06 18.39
N PRO A 64 22.94 3.33 18.09
CA PRO A 64 22.97 4.35 19.15
C PRO A 64 21.69 4.33 20.02
N THR A 65 20.50 4.36 19.41
CA THR A 65 19.26 4.42 20.19
C THR A 65 18.80 3.09 20.79
N GLU A 66 19.23 1.96 20.24
CA GLU A 66 18.73 0.68 20.69
C GLU A 66 19.65 -0.46 20.32
N PRO A 67 20.80 -0.55 20.99
CA PRO A 67 21.77 -1.61 20.74
C PRO A 67 21.35 -3.03 21.15
N LYS A 68 20.39 -3.18 22.06
CA LYS A 68 19.78 -4.50 22.38
C LYS A 68 18.26 -4.34 22.40
N LYS A 69 17.53 -5.43 22.12
CA LYS A 69 16.08 -5.26 21.96
C LYS A 69 15.52 -4.78 23.27
N GLY A 70 14.85 -3.63 23.22
CA GLY A 70 14.18 -3.10 24.40
C GLY A 70 15.02 -2.21 25.29
N GLU A 71 16.32 -2.16 25.04
CA GLU A 71 17.23 -1.39 25.87
C GLU A 71 17.62 -0.08 25.21
N PHE A 72 16.80 0.94 25.38
CA PHE A 72 16.98 2.25 24.70
C PHE A 72 18.03 3.14 25.31
N ASN A 73 18.69 3.94 24.47
CA ASN A 73 19.58 5.01 24.93
C ASN A 73 19.20 6.32 24.24
N TRP A 74 18.32 7.05 24.92
CA TRP A 74 17.74 8.25 24.39
C TRP A 74 18.53 9.50 24.72
N GLU A 75 19.56 9.38 25.57
CA GLU A 75 20.26 10.54 26.18
C GLU A 75 20.80 11.54 25.16
N ASP A 76 21.66 11.09 24.24
CA ASP A 76 22.22 11.99 23.21
C ASP A 76 21.17 12.65 22.30
N ALA A 77 20.22 11.87 21.77
CA ALA A 77 19.17 12.42 20.91
C ALA A 77 18.25 13.36 21.66
N ASP A 78 17.97 13.05 22.92
CA ASP A 78 17.12 13.94 23.72
C ASP A 78 17.74 15.33 23.81
N LYS A 79 19.06 15.41 23.90
CA LYS A 79 19.71 16.71 24.01
C LYS A 79 19.51 17.52 22.74
N ILE A 80 19.76 16.91 21.60
CA ILE A 80 19.62 17.62 20.31
C ILE A 80 18.16 17.99 20.04
N ALA A 81 17.24 17.05 20.23
CA ALA A 81 15.80 17.37 20.13
C ALA A 81 15.37 18.53 21.07
N ASP A 82 15.80 18.50 22.33
CA ASP A 82 15.45 19.54 23.29
C ASP A 82 16.05 20.85 22.80
N PHE A 83 17.32 20.83 22.40
CA PHE A 83 17.88 22.00 21.72
C PHE A 83 16.93 22.53 20.60
N CYS A 84 16.37 21.61 19.81
CA CYS A 84 15.48 21.96 18.70
C CYS A 84 14.07 22.46 19.10
N ARG A 85 13.48 21.84 20.11
CA ARG A 85 12.23 22.30 20.70
C ARG A 85 12.50 23.74 21.20
N ALA A 86 13.42 23.82 22.15
CA ALA A 86 13.83 25.05 22.75
C ALA A 86 13.99 26.22 21.77
N ASN A 87 14.64 26.01 20.62
CA ASN A 87 14.89 27.11 19.68
C ASN A 87 14.03 27.11 18.42
N GLY A 88 12.96 26.31 18.41
CA GLY A 88 11.98 26.38 17.33
C GLY A 88 12.47 25.96 15.95
N ILE A 89 13.33 24.95 15.94
CA ILE A 89 13.76 24.32 14.70
C ILE A 89 13.19 22.90 14.68
N LYS A 90 12.72 22.50 13.51
CA LYS A 90 12.24 21.14 13.28
C LYS A 90 13.35 20.20 12.76
N MET A 91 13.33 18.94 13.15
CA MET A 91 14.41 18.01 12.75
C MET A 91 14.06 17.07 11.60
N ARG A 92 15.09 16.70 10.82
CA ARG A 92 15.05 15.49 9.99
C ARG A 92 15.46 14.32 10.86
N GLY A 93 14.71 13.25 10.82
CA GLY A 93 15.06 12.08 11.59
C GLY A 93 15.95 11.21 10.73
N HIS A 94 17.18 11.02 11.18
CA HIS A 94 18.09 10.17 10.46
C HIS A 94 18.31 8.91 11.30
N THR A 95 18.54 7.87 10.54
CA THR A 95 17.60 6.95 9.97
C THR A 95 16.97 5.77 10.72
N LEU A 96 15.84 5.31 10.17
CA LEU A 96 15.07 4.25 10.77
C LEU A 96 15.60 2.92 10.42
N MET A 97 16.28 2.82 9.28
CA MET A 97 16.75 1.53 8.86
C MET A 97 17.94 1.66 7.92
N TRP A 98 18.94 0.84 8.16
CA TRP A 98 20.19 0.92 7.46
C TRP A 98 20.94 -0.40 7.69
N HIS A 99 21.84 -0.75 6.77
CA HIS A 99 22.73 -1.92 6.95
C HIS A 99 23.93 -1.64 7.87
N SER A 100 24.22 -0.38 8.22
CA SER A 100 25.29 -0.05 9.15
C SER A 100 24.72 0.63 10.39
N GLN A 101 25.58 0.83 11.39
CA GLN A 101 25.17 1.38 12.68
C GLN A 101 23.81 0.90 13.11
N ILE A 102 23.69 -0.43 13.20
CA ILE A 102 22.43 -1.08 13.51
C ILE A 102 22.73 -2.31 14.36
N GLY A 103 21.96 -2.56 15.41
CA GLY A 103 22.19 -3.74 16.25
C GLY A 103 21.92 -5.03 15.50
N SER A 104 22.89 -5.93 15.47
CA SER A 104 22.70 -7.33 15.00
C SER A 104 21.35 -7.94 15.36
N TRP A 105 20.94 -7.75 16.60
CA TRP A 105 19.71 -8.34 17.06
C TRP A 105 18.52 -8.09 16.17
N MET A 106 18.50 -6.98 15.45
CA MET A 106 17.35 -6.69 14.58
C MET A 106 17.14 -7.74 13.50
N TYR A 107 18.21 -8.35 12.99
CA TYR A 107 18.10 -9.30 11.84
C TYR A 107 18.79 -10.64 11.99
N GLN A 108 19.42 -10.92 13.13
CA GLN A 108 20.03 -12.24 13.31
C GLN A 108 20.07 -12.63 14.77
N ASP A 109 20.28 -13.91 15.04
CA ASP A 109 20.09 -14.46 16.38
C ASP A 109 21.35 -14.70 17.19
N GLU A 110 22.46 -14.04 16.89
CA GLU A 110 23.65 -14.11 17.79
C GLU A 110 24.47 -15.42 17.72
N LYS A 111 23.83 -16.53 17.33
CA LYS A 111 24.57 -17.66 16.77
C LYS A 111 25.18 -17.12 15.46
N GLY A 112 24.47 -16.18 14.82
CA GLY A 112 24.83 -15.65 13.52
C GLY A 112 23.87 -16.08 12.41
N ASN A 113 22.72 -16.62 12.80
CA ASN A 113 21.67 -17.01 11.84
C ASN A 113 20.66 -15.89 11.66
N LEU A 114 20.34 -15.62 10.40
CA LEU A 114 19.36 -14.59 10.11
C LEU A 114 18.05 -15.03 10.72
N LEU A 115 17.21 -14.07 11.07
CA LEU A 115 15.87 -14.33 11.56
C LEU A 115 14.93 -14.53 10.40
N SER A 116 13.71 -14.98 10.70
CA SER A 116 12.65 -15.06 9.72
C SER A 116 12.15 -13.69 9.40
N LYS A 117 11.38 -13.59 8.33
CA LYS A 117 10.86 -12.32 7.88
C LYS A 117 9.85 -11.75 8.88
N GLU A 118 9.30 -12.62 9.72
CA GLU A 118 8.29 -12.24 10.70
C GLU A 118 8.94 -11.57 11.91
N GLU A 119 10.01 -12.14 12.41
CA GLU A 119 10.70 -11.55 13.55
C GLU A 119 11.43 -10.27 13.11
N PHE A 120 12.10 -10.34 11.96
CA PHE A 120 12.81 -9.18 11.46
C PHE A 120 11.82 -8.01 11.36
N TYR A 121 10.70 -8.25 10.69
CA TYR A 121 9.65 -7.25 10.60
C TYR A 121 9.19 -6.72 11.97
N ALA A 122 8.96 -7.61 12.92
CA ALA A 122 8.51 -7.22 14.27
C ALA A 122 9.53 -6.30 14.96
N ASN A 123 10.82 -6.63 14.82
CA ASN A 123 11.92 -5.79 15.29
C ASN A 123 11.94 -4.40 14.65
N MET A 124 11.89 -4.36 13.33
CA MET A 124 11.86 -3.09 12.63
C MET A 124 10.64 -2.26 13.05
N LYS A 125 9.51 -2.93 13.28
CA LYS A 125 8.28 -2.24 13.69
C LYS A 125 8.40 -1.64 15.06
N HIS A 126 8.88 -2.45 15.98
CA HIS A 126 8.97 -2.02 17.37
C HIS A 126 9.93 -0.83 17.51
N HIS A 127 11.11 -0.95 16.90
CA HIS A 127 12.09 0.14 16.87
C HIS A 127 11.53 1.41 16.27
N ILE A 128 10.93 1.32 15.08
CA ILE A 128 10.34 2.51 14.46
C ILE A 128 9.23 3.14 15.30
N GLN A 129 8.39 2.33 15.97
CA GLN A 129 7.33 2.87 16.83
C GLN A 129 7.96 3.65 17.99
N ALA A 130 8.94 3.04 18.64
CA ALA A 130 9.65 3.66 19.78
C ALA A 130 10.21 5.03 19.45
N ILE A 131 11.07 5.10 18.44
CA ILE A 131 11.72 6.37 18.05
C ILE A 131 10.81 7.43 17.39
N VAL A 132 9.92 7.02 16.49
CA VAL A 132 9.05 7.97 15.83
C VAL A 132 8.13 8.56 16.88
N ASN A 133 7.64 7.71 17.76
CA ASN A 133 6.74 8.20 18.80
C ASN A 133 7.40 9.22 19.74
N ARG A 134 8.66 8.95 20.15
CA ARG A 134 9.35 9.86 21.06
C ARG A 134 9.66 11.25 20.46
N TYR A 135 9.92 11.37 19.16
CA TYR A 135 10.33 12.67 18.56
C TYR A 135 9.35 13.26 17.53
N LYS A 136 8.24 12.60 17.28
CA LYS A 136 7.27 13.13 16.31
C LYS A 136 6.83 14.58 16.58
N ASP A 137 6.88 15.07 17.81
CA ASP A 137 6.60 16.49 18.03
C ASP A 137 7.60 17.42 17.35
N VAL A 138 8.85 16.98 17.17
CA VAL A 138 9.90 17.83 16.60
C VAL A 138 10.34 17.44 15.21
N VAL A 139 10.25 16.16 14.88
CA VAL A 139 10.69 15.68 13.58
C VAL A 139 9.63 15.84 12.49
N TYR A 140 9.96 16.62 11.46
CA TYR A 140 9.07 16.87 10.30
C TYR A 140 9.24 15.86 9.16
N CYS A 141 10.44 15.31 9.00
CA CYS A 141 10.60 14.23 8.05
C CYS A 141 11.60 13.17 8.54
N TRP A 142 11.55 12.00 7.93
CA TRP A 142 12.38 10.88 8.29
C TRP A 142 13.10 10.31 7.04
N ASP A 143 14.41 10.03 7.14
CA ASP A 143 15.07 9.05 6.24
C ASP A 143 14.72 7.65 6.72
N VAL A 144 13.72 7.03 6.06
CA VAL A 144 13.14 5.81 6.55
C VAL A 144 14.03 4.64 6.22
N VAL A 145 14.55 4.65 5.01
CA VAL A 145 15.54 3.68 4.60
C VAL A 145 16.67 4.40 3.94
N ASN A 146 17.87 4.01 4.31
CA ASN A 146 19.04 4.64 3.83
C ASN A 146 19.86 3.61 3.08
N GLU A 147 20.30 3.99 1.89
CA GLU A 147 21.36 3.27 1.16
C GLU A 147 21.03 1.82 0.84
N ALA A 148 19.84 1.54 0.35
CA ALA A 148 19.46 0.15 -0.09
C ALA A 148 19.78 -0.20 -1.53
N VAL A 149 20.06 0.77 -2.39
CA VAL A 149 20.36 0.49 -3.78
C VAL A 149 21.81 0.05 -3.97
N ALA A 150 22.07 -0.91 -4.86
CA ALA A 150 23.46 -1.41 -5.10
C ALA A 150 24.34 -0.35 -5.74
N ASP A 151 25.64 -0.47 -5.50
CA ASP A 151 26.60 0.39 -6.16
C ASP A 151 26.91 -0.08 -7.59
N SER A 152 27.25 0.89 -8.41
CA SER A 152 27.50 0.61 -9.81
C SER A 152 28.75 -0.17 -10.05
N PRO A 153 28.56 -1.36 -10.58
CA PRO A 153 28.25 -1.80 -11.92
C PRO A 153 27.21 -2.91 -11.59
N VAL A 154 25.97 -2.74 -12.05
CA VAL A 154 24.95 -3.77 -11.88
C VAL A 154 24.67 -4.36 -13.25
N TYR A 155 25.15 -5.57 -13.48
CA TYR A 155 25.07 -6.14 -14.78
C TYR A 155 23.62 -6.44 -15.06
N PRO A 156 23.24 -6.51 -16.35
CA PRO A 156 21.86 -6.85 -16.66
C PRO A 156 21.39 -8.09 -15.94
N GLY A 157 20.15 -8.03 -15.45
CA GLY A 157 19.56 -9.08 -14.62
C GLY A 157 20.13 -9.37 -13.22
N ARG A 158 21.03 -8.54 -12.69
CA ARG A 158 21.50 -8.73 -11.31
C ARG A 158 20.60 -7.84 -10.46
N PRO A 159 20.55 -8.08 -9.16
CA PRO A 159 19.68 -7.27 -8.34
C PRO A 159 20.14 -5.85 -8.30
N GLU A 160 19.19 -4.92 -8.33
CA GLU A 160 19.47 -3.51 -8.21
C GLU A 160 19.63 -3.03 -6.78
N LEU A 161 19.28 -3.90 -5.82
CA LEU A 161 19.36 -3.57 -4.41
C LEU A 161 20.62 -4.16 -3.78
N ARG A 162 21.12 -3.50 -2.75
CA ARG A 162 22.27 -3.97 -2.02
C ARG A 162 21.88 -5.26 -1.35
N ASN A 163 22.82 -6.20 -1.30
CA ASN A 163 22.57 -7.52 -0.76
C ASN A 163 22.87 -7.63 0.77
N SER A 164 22.21 -6.75 1.52
CA SER A 164 22.34 -6.68 2.98
C SER A 164 21.55 -7.79 3.62
N PRO A 165 21.74 -8.01 4.93
CA PRO A 165 20.95 -9.02 5.66
C PRO A 165 19.44 -8.79 5.60
N MET A 166 19.04 -7.53 5.62
CA MET A 166 17.66 -7.20 5.44
C MET A 166 17.16 -7.74 4.10
N TYR A 167 17.91 -7.46 3.04
CA TYR A 167 17.52 -7.89 1.71
C TYR A 167 17.56 -9.41 1.63
N GLN A 168 18.55 -10.03 2.23
CA GLN A 168 18.56 -11.48 2.23
C GLN A 168 17.32 -12.11 2.90
N ILE A 169 16.81 -11.49 3.94
CA ILE A 169 15.65 -12.04 4.64
C ILE A 169 14.35 -11.77 3.87
N ALA A 170 14.17 -10.54 3.43
CA ALA A 170 12.85 -10.08 3.03
C ALA A 170 12.74 -9.59 1.59
N GLY A 171 13.84 -9.63 0.82
CA GLY A 171 13.91 -8.91 -0.47
C GLY A 171 13.51 -7.45 -0.37
N GLU A 172 13.14 -6.88 -1.50
CA GLU A 172 12.73 -5.47 -1.59
C GLU A 172 11.59 -5.05 -0.64
N GLU A 173 10.79 -6.03 -0.24
CA GLU A 173 9.61 -5.79 0.60
C GLU A 173 9.93 -5.09 1.94
N PHE A 174 11.12 -5.36 2.47
CA PHE A 174 11.46 -4.82 3.74
C PHE A 174 11.43 -3.31 3.69
N ILE A 175 11.74 -2.75 2.53
CA ILE A 175 11.72 -1.30 2.33
C ILE A 175 10.28 -0.77 2.39
N TYR A 176 9.38 -1.47 1.72
CA TYR A 176 8.00 -1.06 1.69
C TYR A 176 7.47 -1.07 3.12
N LYS A 177 7.76 -2.12 3.86
CA LYS A 177 7.34 -2.19 5.25
C LYS A 177 7.88 -1.03 6.11
N ALA A 178 9.17 -0.72 5.98
CA ALA A 178 9.73 0.26 6.85
C ALA A 178 8.88 1.49 6.72
N PHE A 179 8.48 1.80 5.50
CA PHE A 179 7.70 3.00 5.19
C PHE A 179 6.26 2.96 5.73
N GLU A 180 5.62 1.82 5.60
CA GLU A 180 4.31 1.55 6.21
C GLU A 180 4.30 1.73 7.71
N TYR A 181 5.30 1.18 8.38
CA TYR A 181 5.44 1.36 9.80
C TYR A 181 5.70 2.80 10.19
N ALA A 182 6.61 3.50 9.50
CA ALA A 182 6.80 4.90 9.85
C ALA A 182 5.49 5.70 9.66
N HIS A 183 4.79 5.48 8.55
CA HIS A 183 3.57 6.23 8.24
C HIS A 183 2.44 6.04 9.26
N GLU A 184 2.28 4.81 9.75
CA GLU A 184 1.33 4.46 10.79
C GLU A 184 1.74 5.12 12.11
N ALA A 185 3.04 5.31 12.37
CA ALA A 185 3.52 5.90 13.62
C ALA A 185 3.49 7.42 13.60
N ASP A 186 3.60 8.05 12.45
CA ASP A 186 3.34 9.51 12.36
C ASP A 186 2.82 9.86 10.96
N PRO A 187 1.50 9.85 10.77
CA PRO A 187 1.00 10.03 9.42
C PRO A 187 1.31 11.39 8.83
N ASP A 188 1.73 12.36 9.64
CA ASP A 188 1.99 13.70 9.12
C ASP A 188 3.45 13.98 8.81
N ALA A 189 4.30 12.97 8.97
CA ALA A 189 5.73 13.10 8.63
C ALA A 189 5.98 12.82 7.16
N LEU A 190 6.82 13.63 6.52
CA LEU A 190 7.26 13.34 5.17
C LEU A 190 8.31 12.21 5.20
N LEU A 191 8.16 11.21 4.36
CA LEU A 191 8.98 10.01 4.43
C LEU A 191 9.88 9.93 3.19
N PHE A 192 11.19 9.89 3.43
CA PHE A 192 12.21 9.91 2.41
C PHE A 192 12.99 8.61 2.28
N TYR A 193 13.35 8.29 1.05
CA TYR A 193 14.40 7.32 0.75
C TYR A 193 15.67 8.11 0.48
N ASN A 194 16.77 7.74 1.12
CA ASN A 194 18.02 8.56 1.16
C ASN A 194 19.12 7.72 0.60
N ASP A 195 19.95 8.27 -0.27
CA ASP A 195 21.09 7.49 -0.76
C ASP A 195 22.22 8.38 -1.27
N TYR A 196 23.41 7.79 -1.42
CA TYR A 196 24.63 8.48 -1.91
C TYR A 196 24.90 8.12 -3.38
N ASN A 197 25.88 8.77 -4.00
CA ASN A 197 26.04 8.71 -5.48
C ASN A 197 24.75 8.91 -6.23
N ASP A 198 24.06 9.94 -5.76
CA ASP A 198 22.68 10.26 -6.11
C ASP A 198 22.54 11.00 -7.45
N ALA A 199 23.68 11.42 -8.00
CA ALA A 199 23.70 12.09 -9.28
C ALA A 199 24.41 11.24 -10.33
N GLU A 200 24.79 10.03 -9.99
CA GLU A 200 25.48 9.17 -10.94
C GLU A 200 24.43 8.67 -11.92
N PRO A 201 24.75 8.54 -13.21
CA PRO A 201 23.67 8.20 -14.14
C PRO A 201 23.04 6.81 -13.93
N ALA A 202 23.82 5.75 -13.91
CA ALA A 202 23.27 4.43 -13.57
C ALA A 202 22.57 4.34 -12.17
N LYS A 203 23.15 4.91 -11.14
CA LYS A 203 22.57 4.72 -9.83
C LYS A 203 21.31 5.51 -9.64
N SER A 204 21.26 6.74 -10.13
CA SER A 204 20.00 7.51 -10.06
C SER A 204 18.88 6.74 -10.81
N GLN A 205 19.21 6.13 -11.94
CA GLN A 205 18.16 5.39 -12.62
C GLN A 205 17.61 4.31 -11.69
N ARG A 206 18.49 3.55 -11.04
CA ARG A 206 18.08 2.55 -10.10
C ARG A 206 17.28 3.13 -8.93
N ILE A 207 17.63 4.33 -8.51
CA ILE A 207 16.97 4.95 -7.37
C ILE A 207 15.60 5.39 -7.82
N TYR A 208 15.52 5.97 -9.00
CA TYR A 208 14.25 6.23 -9.61
C TYR A 208 13.41 4.96 -9.76
N ASN A 209 13.98 3.90 -10.30
CA ASN A 209 13.20 2.68 -10.48
C ASN A 209 12.64 2.16 -9.17
N LEU A 210 13.45 2.11 -8.10
CA LEU A 210 12.97 1.66 -6.79
C LEU A 210 11.78 2.50 -6.35
N VAL A 211 11.93 3.84 -6.35
CA VAL A 211 10.86 4.68 -5.87
C VAL A 211 9.62 4.51 -6.73
N LYS A 212 9.78 4.35 -8.04
CA LYS A 212 8.65 4.06 -8.92
C LYS A 212 7.91 2.77 -8.54
N ARG A 213 8.63 1.68 -8.27
CA ARG A 213 7.97 0.47 -7.80
C ARG A 213 7.30 0.71 -6.47
N MET A 214 7.87 1.53 -5.59
CA MET A 214 7.28 1.75 -4.29
C MET A 214 5.89 2.39 -4.48
N LYS A 215 5.83 3.47 -5.24
CA LYS A 215 4.58 4.17 -5.49
C LYS A 215 3.55 3.22 -6.13
N ASP A 216 3.97 2.35 -7.04
CA ASP A 216 3.05 1.43 -7.75
C ASP A 216 2.57 0.31 -6.84
N ALA A 217 3.30 0.10 -5.75
CA ALA A 217 2.81 -0.80 -4.73
C ALA A 217 1.99 -0.06 -3.71
N GLY A 218 1.81 1.24 -3.89
CA GLY A 218 1.07 2.07 -2.94
C GLY A 218 1.77 2.45 -1.65
N VAL A 219 3.08 2.22 -1.58
CA VAL A 219 3.87 2.62 -0.40
C VAL A 219 3.83 4.14 -0.18
N PRO A 220 3.68 4.58 1.09
CA PRO A 220 3.62 6.02 1.34
C PRO A 220 5.02 6.68 1.33
N ILE A 221 5.59 6.92 0.16
CA ILE A 221 6.85 7.62 0.12
C ILE A 221 6.61 9.03 -0.44
N ASP A 222 6.98 10.04 0.31
CA ASP A 222 6.83 11.43 -0.09
C ASP A 222 8.04 12.00 -0.83
N GLY A 223 9.24 11.50 -0.61
CA GLY A 223 10.43 12.19 -1.12
C GLY A 223 11.71 11.37 -1.31
N ILE A 224 12.63 11.97 -2.04
CA ILE A 224 13.95 11.42 -2.18
C ILE A 224 15.01 12.35 -1.56
N GLY A 225 15.95 11.71 -0.87
CA GLY A 225 17.08 12.37 -0.25
C GLY A 225 18.35 12.02 -1.02
N MET A 226 18.94 13.06 -1.57
CA MET A 226 20.20 12.98 -2.25
C MET A 226 21.21 13.33 -1.17
N GLN A 227 22.11 12.41 -0.88
CA GLN A 227 23.10 12.65 0.17
C GLN A 227 24.04 13.80 -0.22
N ALA A 228 24.47 13.83 -1.47
CA ALA A 228 25.27 14.94 -1.98
C ALA A 228 26.62 14.95 -1.35
N HIS A 229 27.25 13.78 -1.27
CA HIS A 229 28.65 13.74 -0.83
C HIS A 229 29.48 13.86 -2.11
N TYR A 230 29.63 15.09 -2.56
CA TYR A 230 30.26 15.33 -3.85
C TYR A 230 31.69 15.66 -3.63
N ASN A 231 32.43 15.65 -4.71
CA ASN A 231 33.76 16.22 -4.69
C ASN A 231 33.95 17.29 -5.77
N VAL A 232 35.19 17.70 -5.97
CA VAL A 232 35.48 18.92 -6.71
C VAL A 232 35.67 18.63 -8.20
N TYR A 233 35.93 17.37 -8.51
CA TYR A 233 35.70 16.80 -9.84
C TYR A 233 34.30 16.15 -9.83
N GLY A 234 33.73 16.11 -8.61
CA GLY A 234 32.37 15.71 -8.22
C GLY A 234 31.71 14.67 -9.04
N PRO A 235 30.39 14.76 -9.12
CA PRO A 235 29.74 14.56 -10.38
C PRO A 235 29.61 15.98 -10.99
N THR A 236 29.41 16.08 -12.30
CA THR A 236 29.25 17.39 -12.94
C THR A 236 27.90 18.02 -12.59
N MET A 237 27.80 19.34 -12.66
CA MET A 237 26.54 20.01 -12.41
C MET A 237 25.48 19.58 -13.39
N LYS A 238 25.89 19.12 -14.57
CA LYS A 238 24.95 18.60 -15.54
C LYS A 238 24.26 17.31 -15.04
N GLU A 239 25.03 16.42 -14.42
CA GLU A 239 24.51 15.19 -13.86
C GLU A 239 23.54 15.44 -12.70
N VAL A 240 23.89 16.39 -11.85
CA VAL A 240 23.00 16.78 -10.76
C VAL A 240 21.69 17.32 -11.33
N ASP A 241 21.79 18.23 -12.26
CA ASP A 241 20.60 18.85 -12.75
C ASP A 241 19.70 17.75 -13.26
N ASP A 242 20.28 16.88 -14.08
CA ASP A 242 19.57 15.75 -14.70
C ASP A 242 18.93 14.83 -13.67
N ALA A 243 19.64 14.58 -12.58
CA ALA A 243 19.17 13.69 -11.54
C ALA A 243 18.03 14.35 -10.80
N ILE A 244 18.12 15.65 -10.50
CA ILE A 244 16.96 16.26 -9.87
C ILE A 244 15.73 16.24 -10.79
N LYS A 245 15.94 16.42 -12.08
CA LYS A 245 14.84 16.31 -13.03
C LYS A 245 14.24 14.92 -13.05
N LEU A 246 15.07 13.88 -12.96
CA LEU A 246 14.55 12.48 -12.98
C LEU A 246 13.68 12.18 -11.78
N TYR A 247 14.21 12.46 -10.60
CA TYR A 247 13.49 12.25 -9.34
C TYR A 247 12.20 13.07 -9.29
N SER A 248 12.20 14.24 -9.94
CA SER A 248 10.99 15.10 -10.00
C SER A 248 9.85 14.47 -10.74
N THR A 249 10.15 13.50 -11.60
CA THR A 249 9.10 12.85 -12.33
C THR A 249 8.40 11.80 -11.48
N VAL A 250 8.85 11.59 -10.24
CA VAL A 250 8.21 10.56 -9.39
C VAL A 250 7.92 11.00 -7.95
N VAL A 251 8.49 12.10 -7.46
CA VAL A 251 8.12 12.55 -6.10
C VAL A 251 8.01 14.07 -6.07
N ASP A 252 7.30 14.55 -5.06
CA ASP A 252 7.01 15.96 -5.00
C ASP A 252 8.04 16.69 -4.17
N HIS A 253 8.96 15.93 -3.58
CA HIS A 253 9.77 16.45 -2.51
C HIS A 253 11.20 15.92 -2.63
N ILE A 254 12.17 16.82 -2.77
CA ILE A 254 13.56 16.42 -2.72
C ILE A 254 14.32 17.23 -1.72
N HIS A 255 15.25 16.54 -1.06
CA HIS A 255 16.18 17.14 -0.09
C HIS A 255 17.62 16.75 -0.46
N LEU A 256 18.54 17.69 -0.32
CA LEU A 256 19.95 17.30 -0.14
C LEU A 256 20.14 17.06 1.34
N THR A 257 20.64 15.89 1.71
CA THR A 257 20.63 15.48 3.12
C THR A 257 21.95 15.54 3.86
N GLU A 258 23.06 15.46 3.14
CA GLU A 258 24.39 15.34 3.75
C GLU A 258 25.48 15.98 2.89
N LEU A 259 25.22 17.21 2.46
CA LEU A 259 26.05 17.87 1.46
C LEU A 259 27.46 18.16 1.93
N ASP A 260 28.41 17.88 1.03
CA ASP A 260 29.85 17.93 1.29
C ASP A 260 30.52 18.10 -0.04
N ILE A 261 31.39 19.07 -0.21
CA ILE A 261 32.29 19.05 -1.38
C ILE A 261 33.76 18.96 -0.99
N ARG A 262 34.24 17.71 -0.91
CA ARG A 262 35.63 17.41 -0.62
C ARG A 262 36.59 17.70 -1.78
N ILE A 263 37.84 17.99 -1.42
CA ILE A 263 38.92 18.33 -2.36
C ILE A 263 39.53 17.12 -3.07
N ASN A 264 39.71 16.00 -2.35
CA ASN A 264 40.27 14.78 -2.91
C ASN A 264 39.20 13.91 -3.56
N VAL A 280 45.77 23.71 2.20
CA VAL A 280 45.03 23.61 0.94
C VAL A 280 45.49 24.64 -0.07
N SER A 281 45.63 24.21 -1.33
CA SER A 281 46.00 25.11 -2.42
C SER A 281 44.97 26.23 -2.58
N ASP A 282 45.34 27.29 -3.30
CA ASP A 282 44.41 28.39 -3.58
C ASP A 282 43.68 28.17 -4.87
N TRP A 283 44.19 27.26 -5.72
CA TRP A 283 43.50 26.87 -6.95
C TRP A 283 42.50 25.73 -6.65
N GLU A 284 42.82 24.87 -5.68
CA GLU A 284 41.85 23.91 -5.15
C GLU A 284 40.74 24.66 -4.45
N ARG A 285 41.09 25.44 -3.43
CA ARG A 285 40.21 26.49 -2.84
C ARG A 285 39.27 27.14 -3.88
N THR A 286 39.84 27.52 -5.01
CA THR A 286 39.06 28.07 -6.12
C THR A 286 38.09 27.03 -6.68
N LEU A 287 38.60 25.86 -7.05
CA LEU A 287 37.81 24.78 -7.65
C LEU A 287 36.57 24.47 -6.83
N GLN A 288 36.77 24.42 -5.52
CA GLN A 288 35.73 24.07 -4.56
C GLN A 288 34.76 25.21 -4.34
N GLN A 289 35.19 26.45 -4.52
CA GLN A 289 34.26 27.59 -4.45
C GLN A 289 33.38 27.63 -5.69
N ASP A 290 33.99 27.53 -6.86
CA ASP A 290 33.21 27.49 -8.09
C ASP A 290 32.13 26.43 -7.91
N GLN A 291 32.57 25.21 -7.56
CA GLN A 291 31.68 24.04 -7.41
C GLN A 291 30.49 24.32 -6.51
N TYR A 292 30.73 24.87 -5.33
CA TYR A 292 29.61 25.25 -4.48
C TYR A 292 28.70 26.23 -5.20
N VAL A 293 29.29 27.32 -5.72
CA VAL A 293 28.51 28.38 -6.39
C VAL A 293 27.61 27.82 -7.49
N GLN A 294 28.18 26.99 -8.37
CA GLN A 294 27.40 26.41 -9.48
C GLN A 294 26.33 25.41 -9.05
N LEU A 295 26.61 24.68 -7.98
CA LEU A 295 25.64 23.75 -7.42
C LEU A 295 24.41 24.50 -6.93
N PHE A 296 24.66 25.50 -6.10
CA PHE A 296 23.57 26.27 -5.54
C PHE A 296 22.79 27.01 -6.61
N LYS A 297 23.37 27.19 -7.78
CA LYS A 297 22.60 27.72 -8.87
C LYS A 297 21.60 26.65 -9.28
N VAL A 298 22.11 25.45 -9.53
CA VAL A 298 21.24 24.39 -9.99
C VAL A 298 20.13 24.23 -8.97
N LEU A 299 20.47 24.14 -7.69
CA LEU A 299 19.42 23.93 -6.68
C LEU A 299 18.37 25.04 -6.72
N ARG A 300 18.84 26.27 -6.84
CA ARG A 300 17.97 27.43 -6.86
C ARG A 300 16.93 27.30 -7.99
N LYS A 301 17.43 26.88 -9.17
CA LYS A 301 16.59 26.60 -10.36
C LYS A 301 15.62 25.42 -10.19
N HIS A 302 15.65 24.78 -9.03
CA HIS A 302 14.79 23.64 -8.77
C HIS A 302 14.11 23.80 -7.42
N LYS A 303 13.92 25.04 -7.01
CA LYS A 303 13.38 25.34 -5.71
C LYS A 303 12.02 24.73 -5.47
N ASP A 304 11.20 24.73 -6.52
CA ASP A 304 9.88 24.13 -6.52
C ASP A 304 9.81 22.78 -5.78
N VAL A 305 10.67 21.82 -6.13
CA VAL A 305 10.76 20.52 -5.43
C VAL A 305 11.77 20.46 -4.31
N ILE A 306 12.83 21.26 -4.36
CA ILE A 306 13.86 21.17 -3.34
C ILE A 306 13.36 21.91 -2.10
N ASP A 307 13.03 21.18 -1.04
CA ASP A 307 12.54 21.75 0.25
C ASP A 307 13.64 22.11 1.26
N CYS A 308 14.77 21.42 1.20
CA CYS A 308 15.82 21.53 2.23
C CYS A 308 17.14 21.07 1.69
N VAL A 309 18.18 21.83 1.97
CA VAL A 309 19.53 21.42 1.71
C VAL A 309 20.22 21.34 3.06
N THR A 310 20.65 20.14 3.46
CA THR A 310 21.37 19.99 4.70
C THR A 310 22.83 19.69 4.43
N PHE A 311 23.70 20.38 5.20
CA PHE A 311 25.15 20.11 5.26
C PHE A 311 25.48 19.09 6.34
N TRP A 312 26.36 18.15 6.03
CA TRP A 312 26.82 17.20 7.03
C TRP A 312 27.94 17.89 7.83
N ASN A 313 27.72 18.10 9.11
CA ASN A 313 28.63 18.90 9.97
C ASN A 313 28.66 20.42 9.72
N VAL A 314 28.97 21.10 10.79
CA VAL A 314 28.93 22.53 10.82
C VAL A 314 30.19 23.15 10.24
N SER A 315 31.34 22.51 10.45
CA SER A 315 32.60 23.02 9.94
C SER A 315 33.59 21.90 9.62
N ASP A 316 34.64 22.27 8.89
CA ASP A 316 35.72 21.35 8.56
C ASP A 316 36.26 20.65 9.80
N LYS A 317 36.23 21.34 10.94
CA LYS A 317 36.71 20.74 12.21
C LYS A 317 35.93 19.48 12.61
N ASP A 318 34.61 19.55 12.49
CA ASP A 318 33.71 18.45 12.85
C ASP A 318 33.54 17.43 11.70
N SER A 319 33.94 17.79 10.49
CA SER A 319 33.59 16.98 9.32
C SER A 319 34.05 15.55 9.45
N TRP A 320 33.16 14.64 9.15
CA TRP A 320 33.53 13.27 9.04
C TRP A 320 34.69 13.02 8.06
N LEU A 321 34.94 13.94 7.15
CA LEU A 321 35.98 13.72 6.14
C LEU A 321 37.36 14.20 6.57
N GLY A 322 37.40 15.10 7.54
CA GLY A 322 38.67 15.67 8.02
C GLY A 322 38.95 17.07 7.46
N VAL A 323 39.75 17.83 8.21
CA VAL A 323 40.22 19.16 7.84
C VAL A 323 40.99 19.22 6.51
N ARG A 324 41.87 18.25 6.26
CA ARG A 324 42.58 18.17 4.96
C ARG A 324 41.57 18.36 3.84
N ASN A 325 40.58 17.47 3.78
CA ASN A 325 39.59 17.44 2.71
C ASN A 325 38.79 18.73 2.51
N TYR A 326 38.76 19.61 3.52
CA TYR A 326 38.32 20.98 3.33
C TYR A 326 36.91 21.07 2.71
N PRO A 327 35.97 20.28 3.23
CA PRO A 327 34.62 20.28 2.68
C PRO A 327 33.91 21.43 3.34
N LEU A 328 32.62 21.63 3.09
CA LEU A 328 31.87 22.57 3.98
C LEU A 328 32.26 24.05 3.95
N LEU A 329 31.31 24.92 4.28
CA LEU A 329 31.54 26.33 4.08
C LEU A 329 32.21 27.04 5.27
N PHE A 330 32.46 26.34 6.38
CA PHE A 330 33.15 26.96 7.53
C PHE A 330 34.44 26.20 7.84
N ASP A 331 35.44 26.90 8.39
CA ASP A 331 36.80 26.35 8.57
C ASP A 331 37.02 25.78 9.98
N GLU A 332 38.23 25.29 10.24
CA GLU A 332 38.60 24.65 11.53
C GLU A 332 38.26 25.48 12.78
N ASN A 333 38.07 26.80 12.62
CA ASN A 333 37.74 27.71 13.73
C ASN A 333 36.32 28.23 13.66
N TYR A 334 35.51 27.54 12.85
CA TYR A 334 34.08 27.83 12.70
C TYR A 334 33.87 29.20 12.05
N LYS A 335 34.84 29.61 11.24
CA LYS A 335 34.76 30.91 10.58
C LYS A 335 34.31 30.73 9.12
N PRO A 336 33.41 31.61 8.65
CA PRO A 336 33.00 31.56 7.23
C PRO A 336 34.17 31.71 6.24
N LYS A 337 34.30 30.78 5.32
CA LYS A 337 35.24 30.95 4.23
C LYS A 337 34.66 31.99 3.30
N GLN A 338 35.44 32.40 2.31
CA GLN A 338 34.97 33.38 1.33
C GLN A 338 33.84 32.76 0.52
N ALA A 339 34.01 31.47 0.22
CA ALA A 339 33.00 30.69 -0.49
C ALA A 339 31.61 30.80 0.17
N TYR A 340 31.58 30.97 1.49
CA TYR A 340 30.32 31.20 2.19
C TYR A 340 29.62 32.46 1.70
N ASN A 341 30.37 33.52 1.42
CA ASN A 341 29.78 34.79 0.97
C ASN A 341 29.33 34.70 -0.48
N ALA A 342 30.01 33.87 -1.25
CA ALA A 342 29.65 33.62 -2.64
C ALA A 342 28.28 32.96 -2.75
N VAL A 343 28.05 31.95 -1.92
CA VAL A 343 26.79 31.20 -1.93
C VAL A 343 25.67 31.99 -1.26
N LYS A 344 26.01 32.77 -0.26
CA LYS A 344 25.01 33.53 0.47
C LYS A 344 24.34 34.60 -0.43
N ASN A 345 25.11 35.26 -1.28
CA ASN A 345 24.62 36.44 -2.03
C ASN A 345 24.66 36.14 -3.50
N PHE A 346 23.53 36.18 -4.21
CA PHE A 346 23.51 35.54 -5.56
C PHE A 346 22.99 36.31 -6.82
N ASP A 347 21.70 36.67 -6.83
CA ASP A 347 21.05 37.19 -8.04
C ASP A 347 19.72 37.81 -7.63
N ALA B 16 -16.04 -30.48 15.84
CA ALA B 16 -16.51 -31.60 14.96
C ALA B 16 -16.27 -31.27 13.47
N GLN B 17 -17.02 -31.94 12.59
CA GLN B 17 -17.03 -31.63 11.14
C GLN B 17 -17.99 -30.48 10.83
N GLY B 18 -17.60 -29.64 9.87
CA GLY B 18 -18.46 -28.56 9.40
C GLY B 18 -18.92 -28.69 7.96
N LEU B 19 -19.63 -27.66 7.52
CA LEU B 19 -20.03 -27.51 6.12
C LEU B 19 -18.92 -27.85 5.14
N LYS B 20 -17.77 -27.21 5.28
CA LYS B 20 -16.66 -27.41 4.35
C LYS B 20 -16.33 -28.87 4.17
N ASP B 21 -16.46 -29.65 5.25
CA ASP B 21 -16.04 -31.07 5.28
C ASP B 21 -17.11 -31.91 4.63
N ALA B 22 -18.37 -31.64 4.95
CA ALA B 22 -19.50 -32.31 4.28
C ALA B 22 -19.51 -32.07 2.77
N TYR B 23 -19.18 -30.85 2.34
CA TYR B 23 -19.12 -30.51 0.91
C TYR B 23 -17.77 -30.71 0.22
N LYS B 24 -16.88 -31.42 0.91
CA LYS B 24 -15.50 -31.64 0.50
C LYS B 24 -15.38 -31.98 -0.95
N ASP B 25 -16.23 -32.90 -1.42
CA ASP B 25 -16.20 -33.42 -2.81
C ASP B 25 -17.12 -32.68 -3.78
N TYR B 26 -17.57 -31.50 -3.38
CA TYR B 26 -18.47 -30.76 -4.19
C TYR B 26 -17.85 -29.40 -4.50
N PHE B 27 -17.66 -28.59 -3.49
CA PHE B 27 -17.13 -27.24 -3.70
C PHE B 27 -16.69 -26.72 -2.36
N LYS B 28 -15.78 -25.76 -2.36
CA LYS B 28 -15.48 -25.10 -1.11
C LYS B 28 -16.75 -24.41 -0.61
N ILE B 29 -16.79 -24.09 0.67
CA ILE B 29 -17.92 -23.39 1.28
C ILE B 29 -17.29 -22.24 1.98
N GLY B 30 -17.64 -21.04 1.62
CA GLY B 30 -16.94 -19.89 2.16
C GLY B 30 -17.90 -19.02 2.88
N VAL B 31 -17.36 -17.92 3.40
CA VAL B 31 -18.14 -16.90 4.06
C VAL B 31 -17.42 -15.53 3.93
N ALA B 32 -18.19 -14.46 3.90
CA ALA B 32 -17.67 -13.13 3.96
C ALA B 32 -17.55 -12.69 5.39
N VAL B 33 -16.39 -12.13 5.74
CA VAL B 33 -16.15 -11.73 7.11
C VAL B 33 -15.96 -10.23 7.32
N ASN B 34 -16.31 -9.79 8.52
CA ASN B 34 -15.96 -8.44 9.01
C ASN B 34 -14.73 -8.59 9.94
N ASN B 35 -14.29 -7.48 10.51
CA ASN B 35 -13.07 -7.47 11.30
C ASN B 35 -13.18 -8.20 12.61
N ARG B 36 -14.32 -8.06 13.24
CA ARG B 36 -14.58 -8.75 14.48
C ARG B 36 -14.65 -10.26 14.28
N ASN B 37 -15.12 -10.74 13.13
CA ASN B 37 -15.25 -12.17 12.92
C ASN B 37 -13.92 -12.93 12.99
N VAL B 38 -12.82 -12.23 12.72
CA VAL B 38 -11.52 -12.87 12.73
C VAL B 38 -10.65 -12.42 13.92
N ALA B 39 -11.20 -11.53 14.77
CA ALA B 39 -10.54 -11.11 16.02
C ALA B 39 -11.13 -11.71 17.29
N ASP B 40 -12.41 -12.02 17.30
CA ASP B 40 -13.10 -12.50 18.49
C ASP B 40 -13.12 -14.04 18.53
N PRO B 41 -12.46 -14.62 19.53
CA PRO B 41 -12.26 -16.09 19.58
C PRO B 41 -13.50 -16.98 19.51
N ASP B 42 -14.66 -16.50 19.95
CA ASP B 42 -15.90 -17.32 19.87
C ASP B 42 -16.39 -17.40 18.38
N GLN B 43 -16.24 -16.29 17.65
CA GLN B 43 -16.54 -16.26 16.21
C GLN B 43 -15.47 -16.94 15.34
N ILE B 44 -14.19 -16.72 15.66
CA ILE B 44 -13.09 -17.40 14.98
C ILE B 44 -13.34 -18.92 14.97
N LYS B 45 -13.79 -19.45 16.10
CA LYS B 45 -14.03 -20.88 16.21
C LYS B 45 -15.06 -21.37 15.17
N VAL B 46 -16.12 -20.60 14.95
CA VAL B 46 -17.19 -20.99 14.01
C VAL B 46 -16.62 -20.91 12.61
N VAL B 47 -16.00 -19.77 12.28
CA VAL B 47 -15.44 -19.57 10.96
C VAL B 47 -14.53 -20.72 10.61
N LEU B 48 -13.49 -20.96 11.41
CA LEU B 48 -12.59 -22.08 11.13
C LEU B 48 -13.24 -23.47 11.05
N ARG B 49 -14.33 -23.68 11.78
CA ARG B 49 -14.94 -24.99 11.78
C ARG B 49 -15.64 -25.23 10.43
N GLU B 50 -16.32 -24.20 9.93
CA GLU B 50 -17.33 -24.36 8.86
C GLU B 50 -16.87 -24.08 7.40
N PHE B 51 -15.96 -23.11 7.25
CA PHE B 51 -15.65 -22.53 5.98
C PHE B 51 -14.21 -22.73 5.54
N ASN B 52 -13.99 -23.08 4.26
CA ASN B 52 -12.63 -23.18 3.72
C ASN B 52 -12.32 -22.24 2.54
N SER B 53 -13.01 -21.11 2.50
CA SER B 53 -12.70 -19.98 1.62
C SER B 53 -13.23 -18.76 2.35
N ILE B 54 -12.66 -17.59 2.13
CA ILE B 54 -13.02 -16.41 2.89
C ILE B 54 -13.05 -15.20 1.97
N THR B 55 -14.00 -14.28 2.19
CA THR B 55 -14.07 -13.07 1.42
C THR B 55 -14.12 -11.93 2.38
N ALA B 56 -13.46 -10.82 2.05
CA ALA B 56 -13.64 -9.62 2.87
C ALA B 56 -14.98 -9.00 2.53
N GLU B 57 -15.84 -8.79 3.52
CA GLU B 57 -17.13 -8.18 3.27
C GLU B 57 -17.01 -6.72 2.76
N ASN B 58 -16.01 -6.00 3.24
CA ASN B 58 -15.81 -4.56 2.91
C ASN B 58 -14.36 -4.13 2.77
N ALA B 59 -13.48 -4.73 3.55
CA ALA B 59 -12.07 -4.32 3.58
C ALA B 59 -11.30 -4.21 2.25
N MET B 60 -11.72 -4.89 1.17
CA MET B 60 -10.99 -4.86 -0.11
C MET B 60 -11.67 -4.08 -1.24
N LYS B 61 -12.71 -3.34 -0.90
CA LYS B 61 -13.41 -2.55 -1.87
C LYS B 61 -12.69 -1.25 -2.11
N PRO B 62 -12.94 -0.61 -3.26
CA PRO B 62 -12.22 0.56 -3.69
C PRO B 62 -12.14 1.71 -2.70
N GLN B 63 -13.24 2.09 -2.09
CA GLN B 63 -13.20 3.21 -1.17
C GLN B 63 -12.51 2.89 0.16
N PRO B 64 -12.78 1.71 0.78
CA PRO B 64 -12.07 1.34 2.01
C PRO B 64 -10.56 1.37 1.82
N THR B 65 -10.06 0.80 0.70
CA THR B 65 -8.63 0.67 0.42
C THR B 65 -7.95 1.87 -0.26
N GLU B 66 -8.69 2.82 -0.79
CA GLU B 66 -8.06 3.97 -1.42
C GLU B 66 -9.08 5.08 -1.43
N PRO B 67 -9.33 5.66 -0.25
CA PRO B 67 -10.37 6.70 -0.18
C PRO B 67 -9.95 7.93 -0.96
N LYS B 68 -8.65 8.19 -1.06
CA LYS B 68 -8.16 9.36 -1.77
C LYS B 68 -7.12 8.93 -2.76
N LYS B 69 -6.95 9.70 -3.83
CA LYS B 69 -6.00 9.29 -4.88
C LYS B 69 -4.65 8.95 -4.30
N GLY B 70 -4.19 7.74 -4.58
CA GLY B 70 -2.90 7.29 -4.08
C GLY B 70 -2.69 7.07 -2.58
N GLU B 71 -3.73 7.16 -1.76
CA GLU B 71 -3.52 7.06 -0.30
C GLU B 71 -4.13 5.84 0.28
N PHE B 72 -3.42 4.72 0.17
CA PHE B 72 -4.03 3.44 0.42
C PHE B 72 -4.22 3.21 1.88
N ASN B 73 -5.28 2.48 2.23
CA ASN B 73 -5.54 2.04 3.58
C ASN B 73 -5.68 0.51 3.67
N TRP B 74 -4.60 -0.15 4.07
CA TRP B 74 -4.50 -1.61 4.09
C TRP B 74 -4.89 -2.29 5.41
N GLU B 75 -5.32 -1.51 6.38
CA GLU B 75 -5.41 -1.98 7.76
C GLU B 75 -6.44 -3.13 7.98
N ASP B 76 -7.68 -2.85 7.64
CA ASP B 76 -8.72 -3.86 7.77
C ASP B 76 -8.46 -5.09 6.86
N ALA B 77 -8.04 -4.85 5.62
CA ALA B 77 -7.69 -5.95 4.70
C ALA B 77 -6.59 -6.88 5.21
N ASP B 78 -5.52 -6.29 5.78
CA ASP B 78 -4.41 -7.07 6.34
C ASP B 78 -4.83 -7.98 7.51
N LYS B 79 -5.74 -7.52 8.36
CA LYS B 79 -6.19 -8.37 9.48
C LYS B 79 -6.81 -9.62 8.89
N ILE B 80 -7.62 -9.43 7.87
CA ILE B 80 -8.34 -10.56 7.29
C ILE B 80 -7.40 -11.48 6.51
N ALA B 81 -6.51 -10.87 5.73
CA ALA B 81 -5.46 -11.61 5.02
C ALA B 81 -4.57 -12.40 6.00
N ASP B 82 -4.21 -11.80 7.15
CA ASP B 82 -3.39 -12.50 8.15
C ASP B 82 -4.14 -13.68 8.74
N PHE B 83 -5.43 -13.50 8.99
CA PHE B 83 -6.23 -14.62 9.44
C PHE B 83 -6.12 -15.79 8.46
N CYS B 84 -6.21 -15.50 7.14
CA CYS B 84 -6.26 -16.56 6.11
C CYS B 84 -4.91 -17.21 5.92
N ARG B 85 -3.88 -16.35 5.80
CA ARG B 85 -2.47 -16.76 5.77
C ARG B 85 -2.20 -17.64 6.94
N ALA B 86 -2.64 -17.25 8.13
CA ALA B 86 -2.31 -18.03 9.36
C ALA B 86 -2.98 -19.36 9.43
N ASN B 87 -4.10 -19.51 8.74
CA ASN B 87 -4.91 -20.70 8.88
C ASN B 87 -4.97 -21.56 7.62
N GLY B 88 -4.11 -21.34 6.64
CA GLY B 88 -4.17 -22.06 5.36
C GLY B 88 -5.46 -21.90 4.54
N ILE B 89 -6.09 -20.73 4.56
CA ILE B 89 -7.29 -20.50 3.77
C ILE B 89 -6.96 -19.49 2.68
N LYS B 90 -7.38 -19.76 1.45
CA LYS B 90 -7.21 -18.78 0.37
C LYS B 90 -8.45 -17.94 0.30
N MET B 91 -8.31 -16.67 -0.05
CA MET B 91 -9.40 -15.72 -0.12
C MET B 91 -9.91 -15.49 -1.52
N ARG B 92 -11.12 -14.98 -1.61
CA ARG B 92 -11.61 -14.35 -2.80
C ARG B 92 -11.42 -12.87 -2.63
N GLY B 93 -10.95 -12.18 -3.67
CA GLY B 93 -10.73 -10.75 -3.55
C GLY B 93 -11.95 -10.03 -4.02
N HIS B 94 -12.63 -9.35 -3.12
CA HIS B 94 -13.86 -8.66 -3.46
C HIS B 94 -13.57 -7.20 -3.21
N THR B 95 -14.18 -6.39 -4.04
CA THR B 95 -13.91 -6.23 -5.45
C THR B 95 -13.05 -5.11 -6.00
N LEU B 96 -12.58 -5.26 -7.24
CA LEU B 96 -11.65 -4.27 -7.80
C LEU B 96 -12.25 -3.07 -8.47
N MET B 97 -13.47 -3.18 -8.96
CA MET B 97 -14.13 -2.04 -9.58
C MET B 97 -15.66 -2.16 -9.49
N TRP B 98 -16.35 -1.06 -9.22
CA TRP B 98 -17.73 -1.15 -8.81
C TRP B 98 -18.25 0.25 -8.66
N HIS B 99 -19.49 0.48 -9.10
CA HIS B 99 -20.10 1.82 -9.03
C HIS B 99 -20.44 2.27 -7.62
N SER B 100 -20.43 1.32 -6.70
CA SER B 100 -20.59 1.56 -5.25
C SER B 100 -19.30 1.42 -4.46
N GLN B 101 -19.29 1.99 -3.25
CA GLN B 101 -18.18 1.95 -2.29
C GLN B 101 -16.84 2.19 -3.01
N ILE B 102 -16.81 3.28 -3.80
CA ILE B 102 -15.67 3.70 -4.62
C ILE B 102 -15.48 5.22 -4.48
N GLY B 103 -14.24 5.69 -4.38
CA GLY B 103 -14.01 7.13 -4.30
C GLY B 103 -14.34 7.85 -5.60
N SER B 104 -15.11 8.93 -5.53
CA SER B 104 -15.44 9.74 -6.70
C SER B 104 -14.19 10.11 -7.46
N TRP B 105 -13.14 10.41 -6.72
CA TRP B 105 -11.88 10.84 -7.32
C TRP B 105 -11.43 9.89 -8.46
N MET B 106 -11.86 8.64 -8.49
CA MET B 106 -11.41 7.72 -9.56
C MET B 106 -11.95 8.11 -10.95
N TYR B 107 -13.12 8.74 -10.99
CA TYR B 107 -13.72 9.03 -12.28
C TYR B 107 -14.21 10.50 -12.45
N GLN B 108 -13.82 11.40 -11.54
CA GLN B 108 -14.45 12.71 -11.40
C GLN B 108 -13.54 13.71 -10.69
N ASP B 109 -13.53 14.96 -11.16
CA ASP B 109 -12.50 15.94 -10.78
C ASP B 109 -12.80 16.88 -9.60
N GLU B 110 -13.80 16.57 -8.80
CA GLU B 110 -14.06 17.37 -7.59
C GLU B 110 -15.00 18.53 -7.83
N LYS B 111 -15.03 19.07 -9.04
CA LYS B 111 -16.18 19.92 -9.44
C LYS B 111 -17.30 19.06 -10.05
N GLY B 112 -17.16 17.75 -9.95
CA GLY B 112 -18.21 16.88 -10.37
C GLY B 112 -18.17 16.52 -11.83
N ASN B 113 -17.12 16.92 -12.58
CA ASN B 113 -17.05 16.55 -14.01
C ASN B 113 -16.25 15.31 -14.22
N LEU B 114 -16.70 14.50 -15.16
CA LEU B 114 -16.05 13.25 -15.46
C LEU B 114 -14.64 13.54 -15.98
N LEU B 115 -13.71 12.62 -15.70
CA LEU B 115 -12.34 12.66 -16.21
C LEU B 115 -12.27 12.07 -17.62
N SER B 116 -11.13 12.24 -18.25
CA SER B 116 -10.92 11.64 -19.54
C SER B 116 -10.89 10.14 -19.36
N LYS B 117 -11.06 9.45 -20.46
CA LYS B 117 -10.95 8.02 -20.49
C LYS B 117 -9.57 7.62 -19.98
N GLU B 118 -8.53 8.32 -20.39
CA GLU B 118 -7.18 7.92 -20.06
C GLU B 118 -6.77 8.26 -18.63
N GLU B 119 -7.39 9.27 -18.05
CA GLU B 119 -7.09 9.55 -16.68
C GLU B 119 -7.78 8.50 -15.81
N PHE B 120 -9.02 8.15 -16.18
CA PHE B 120 -9.76 7.14 -15.44
C PHE B 120 -9.06 5.80 -15.58
N TYR B 121 -8.75 5.36 -16.79
CA TYR B 121 -8.02 4.10 -16.93
C TYR B 121 -6.74 4.09 -16.09
N ALA B 122 -6.07 5.22 -15.97
CA ALA B 122 -4.82 5.17 -15.24
C ALA B 122 -5.12 4.94 -13.77
N ASN B 123 -6.11 5.66 -13.24
CA ASN B 123 -6.50 5.54 -11.83
C ASN B 123 -6.94 4.12 -11.46
N MET B 124 -7.64 3.48 -12.39
CA MET B 124 -8.10 2.11 -12.26
C MET B 124 -6.92 1.18 -12.26
N LYS B 125 -5.99 1.40 -13.19
CA LYS B 125 -4.78 0.55 -13.32
C LYS B 125 -3.96 0.54 -12.05
N HIS B 126 -3.75 1.73 -11.49
CA HIS B 126 -2.91 1.90 -10.32
C HIS B 126 -3.57 1.24 -9.12
N HIS B 127 -4.87 1.47 -8.97
CA HIS B 127 -5.64 0.86 -7.88
C HIS B 127 -5.54 -0.65 -7.99
N ILE B 128 -5.84 -1.17 -9.16
CA ILE B 128 -5.86 -2.60 -9.33
C ILE B 128 -4.49 -3.18 -9.06
N GLN B 129 -3.45 -2.56 -9.57
CA GLN B 129 -2.11 -3.16 -9.40
C GLN B 129 -1.67 -3.21 -7.95
N ALA B 130 -1.91 -2.11 -7.24
CA ALA B 130 -1.54 -2.06 -5.82
C ALA B 130 -2.17 -3.21 -5.05
N ILE B 131 -3.49 -3.29 -5.08
CA ILE B 131 -4.19 -4.23 -4.22
C ILE B 131 -3.91 -5.65 -4.66
N VAL B 132 -3.87 -5.89 -5.96
CA VAL B 132 -3.70 -7.25 -6.46
C VAL B 132 -2.33 -7.73 -6.06
N ASN B 133 -1.34 -6.86 -6.22
CA ASN B 133 0.01 -7.21 -5.81
C ASN B 133 0.16 -7.47 -4.33
N ARG B 134 -0.48 -6.65 -3.53
CA ARG B 134 -0.34 -6.85 -2.11
C ARG B 134 -0.89 -8.21 -1.63
N TYR B 135 -1.97 -8.72 -2.24
CA TYR B 135 -2.67 -9.86 -1.64
C TYR B 135 -2.58 -11.11 -2.48
N LYS B 136 -1.76 -11.09 -3.51
CA LYS B 136 -1.74 -12.19 -4.45
C LYS B 136 -1.15 -13.46 -3.83
N ASP B 137 -0.49 -13.36 -2.70
CA ASP B 137 -0.06 -14.56 -1.96
C ASP B 137 -1.21 -15.35 -1.32
N VAL B 138 -2.31 -14.67 -0.95
CA VAL B 138 -3.50 -15.34 -0.36
C VAL B 138 -4.73 -15.42 -1.22
N VAL B 139 -4.87 -14.52 -2.17
CA VAL B 139 -6.08 -14.52 -2.98
C VAL B 139 -5.96 -15.45 -4.16
N TYR B 140 -6.91 -16.38 -4.29
CA TYR B 140 -6.99 -17.30 -5.46
C TYR B 140 -7.86 -16.82 -6.60
N CYS B 141 -8.80 -15.91 -6.33
CA CYS B 141 -9.60 -15.27 -7.35
C CYS B 141 -10.07 -13.88 -6.96
N TRP B 142 -10.40 -13.08 -7.97
CA TRP B 142 -10.95 -11.74 -7.77
C TRP B 142 -12.29 -11.59 -8.49
N ASP B 143 -13.26 -10.96 -7.82
CA ASP B 143 -14.39 -10.26 -8.49
C ASP B 143 -13.85 -8.96 -9.11
N VAL B 144 -13.45 -9.00 -10.36
CA VAL B 144 -12.76 -7.87 -10.97
C VAL B 144 -13.71 -6.69 -11.17
N VAL B 145 -14.87 -6.99 -11.73
CA VAL B 145 -15.93 -5.98 -11.96
C VAL B 145 -17.23 -6.53 -11.38
N ASN B 146 -17.98 -5.67 -10.76
CA ASN B 146 -19.12 -6.07 -9.95
C ASN B 146 -20.32 -5.26 -10.44
N GLU B 147 -21.42 -5.93 -10.73
CA GLU B 147 -22.72 -5.24 -10.92
C GLU B 147 -22.69 -4.21 -12.04
N ALA B 148 -22.08 -4.59 -13.16
CA ALA B 148 -21.92 -3.74 -14.35
C ALA B 148 -23.09 -3.85 -15.32
N VAL B 149 -23.84 -4.95 -15.27
CA VAL B 149 -25.05 -5.15 -16.10
C VAL B 149 -26.32 -4.43 -15.58
N ALA B 150 -27.10 -3.88 -16.51
CA ALA B 150 -28.28 -3.07 -16.10
C ALA B 150 -29.40 -3.95 -15.57
N ASP B 151 -30.17 -3.37 -14.66
CA ASP B 151 -31.31 -4.04 -14.06
C ASP B 151 -32.46 -4.10 -15.05
N SER B 152 -33.32 -5.09 -14.90
CA SER B 152 -34.43 -5.27 -15.79
C SER B 152 -35.55 -4.28 -15.56
N PRO B 153 -35.83 -3.45 -16.56
CA PRO B 153 -36.70 -3.98 -17.55
C PRO B 153 -35.74 -4.05 -18.76
N VAL B 154 -35.04 -2.97 -19.08
CA VAL B 154 -34.16 -2.90 -20.34
C VAL B 154 -34.91 -2.97 -21.66
N TYR B 155 -35.42 -1.84 -22.13
CA TYR B 155 -36.26 -1.82 -23.33
C TYR B 155 -35.40 -1.71 -24.59
N PRO B 156 -36.01 -1.89 -25.80
CA PRO B 156 -35.39 -1.63 -27.13
C PRO B 156 -34.70 -0.26 -27.27
N GLY B 157 -33.47 -0.28 -27.78
CA GLY B 157 -32.66 0.93 -27.89
C GLY B 157 -31.92 1.32 -26.62
N ARG B 158 -32.08 0.56 -25.54
CA ARG B 158 -31.33 0.81 -24.34
C ARG B 158 -30.17 -0.14 -24.17
N PRO B 159 -29.14 0.32 -23.46
CA PRO B 159 -27.92 -0.41 -23.24
C PRO B 159 -28.11 -1.57 -22.29
N GLU B 160 -27.44 -2.69 -22.58
CA GLU B 160 -27.42 -3.84 -21.70
C GLU B 160 -26.63 -3.58 -20.41
N LEU B 161 -25.89 -2.49 -20.30
CA LEU B 161 -25.04 -2.26 -19.13
C LEU B 161 -25.54 -1.10 -18.32
N ARG B 162 -25.11 -1.07 -17.08
CA ARG B 162 -25.57 -0.08 -16.12
C ARG B 162 -24.93 1.20 -16.49
N ASN B 163 -25.67 2.27 -16.38
CA ASN B 163 -25.15 3.56 -16.82
C ASN B 163 -24.35 4.29 -15.74
N SER B 164 -23.31 3.62 -15.21
CA SER B 164 -22.41 4.20 -14.19
C SER B 164 -21.46 5.24 -14.82
N PRO B 165 -20.86 6.10 -13.99
CA PRO B 165 -19.82 7.04 -14.45
C PRO B 165 -18.69 6.37 -15.23
N MET B 166 -18.24 5.21 -14.77
CA MET B 166 -17.30 4.42 -15.53
C MET B 166 -17.78 4.13 -16.97
N TYR B 167 -19.07 3.81 -17.14
CA TYR B 167 -19.63 3.46 -18.48
C TYR B 167 -19.79 4.71 -19.34
N GLN B 168 -20.19 5.81 -18.72
CA GLN B 168 -20.31 7.09 -19.39
C GLN B 168 -18.99 7.57 -19.98
N ILE B 169 -17.87 7.25 -19.33
CA ILE B 169 -16.55 7.62 -19.82
C ILE B 169 -16.02 6.66 -20.89
N ALA B 170 -16.18 5.36 -20.70
CA ALA B 170 -15.44 4.38 -21.49
C ALA B 170 -16.28 3.37 -22.21
N GLY B 171 -17.56 3.32 -21.87
CA GLY B 171 -18.43 2.28 -22.34
C GLY B 171 -18.01 0.93 -21.79
N GLU B 172 -18.44 -0.11 -22.46
CA GLU B 172 -18.11 -1.45 -22.04
C GLU B 172 -16.58 -1.64 -21.91
N GLU B 173 -15.78 -0.82 -22.56
CA GLU B 173 -14.34 -1.08 -22.58
C GLU B 173 -13.67 -1.05 -21.21
N PHE B 174 -14.11 -0.17 -20.31
CA PHE B 174 -13.55 -0.17 -18.97
C PHE B 174 -13.53 -1.54 -18.34
N ILE B 175 -14.50 -2.40 -18.69
CA ILE B 175 -14.60 -3.73 -18.10
C ILE B 175 -13.45 -4.57 -18.59
N TYR B 176 -13.14 -4.45 -19.86
CA TYR B 176 -12.08 -5.25 -20.45
C TYR B 176 -10.72 -4.85 -19.87
N LYS B 177 -10.54 -3.55 -19.66
CA LYS B 177 -9.31 -3.04 -19.06
C LYS B 177 -9.10 -3.62 -17.69
N ALA B 178 -10.13 -3.49 -16.85
CA ALA B 178 -10.09 -4.01 -15.50
C ALA B 178 -9.57 -5.43 -15.52
N PHE B 179 -10.10 -6.30 -16.38
CA PHE B 179 -9.63 -7.70 -16.36
C PHE B 179 -8.19 -7.83 -16.88
N GLU B 180 -7.87 -7.10 -17.95
CA GLU B 180 -6.54 -7.03 -18.54
C GLU B 180 -5.53 -6.56 -17.46
N TYR B 181 -5.88 -5.49 -16.74
CA TYR B 181 -5.01 -5.00 -15.67
C TYR B 181 -4.80 -6.03 -14.58
N ALA B 182 -5.89 -6.66 -14.10
CA ALA B 182 -5.78 -7.59 -12.99
C ALA B 182 -5.00 -8.81 -13.43
N HIS B 183 -5.21 -9.22 -14.66
CA HIS B 183 -4.54 -10.43 -15.13
C HIS B 183 -3.03 -10.22 -15.25
N GLU B 184 -2.63 -9.01 -15.59
CA GLU B 184 -1.22 -8.66 -15.72
C GLU B 184 -0.57 -8.63 -14.34
N ALA B 185 -1.29 -8.12 -13.34
CA ALA B 185 -0.75 -8.06 -11.97
C ALA B 185 -0.69 -9.44 -11.31
N ASP B 186 -1.65 -10.33 -11.57
CA ASP B 186 -1.50 -11.73 -11.11
C ASP B 186 -2.01 -12.76 -12.08
N PRO B 187 -1.09 -13.28 -12.90
CA PRO B 187 -1.43 -14.24 -13.92
C PRO B 187 -2.07 -15.50 -13.39
N ASP B 188 -1.90 -15.84 -12.13
CA ASP B 188 -2.46 -17.15 -11.70
C ASP B 188 -3.82 -17.06 -11.05
N ALA B 189 -4.30 -15.84 -10.86
CA ALA B 189 -5.58 -15.67 -10.24
C ALA B 189 -6.70 -15.98 -11.25
N LEU B 190 -7.75 -16.65 -10.79
CA LEU B 190 -8.99 -16.80 -11.53
C LEU B 190 -9.71 -15.47 -11.44
N LEU B 191 -10.14 -14.94 -12.58
CA LEU B 191 -10.80 -13.64 -12.64
C LEU B 191 -12.34 -13.78 -12.99
N PHE B 192 -13.21 -13.12 -12.22
CA PHE B 192 -14.65 -13.35 -12.20
C PHE B 192 -15.42 -12.07 -12.51
N TYR B 193 -16.52 -12.19 -13.26
CA TYR B 193 -17.50 -11.12 -13.40
C TYR B 193 -18.58 -11.52 -12.39
N ASN B 194 -19.04 -10.59 -11.55
CA ASN B 194 -19.90 -10.88 -10.39
C ASN B 194 -21.17 -10.01 -10.46
N ASP B 195 -22.35 -10.57 -10.21
CA ASP B 195 -23.56 -9.78 -10.30
C ASP B 195 -24.72 -10.47 -9.58
N TYR B 196 -25.74 -9.67 -9.28
CA TYR B 196 -26.95 -10.15 -8.60
C TYR B 196 -28.12 -10.24 -9.59
N ASN B 197 -29.24 -10.77 -9.11
CA ASN B 197 -30.31 -11.26 -10.00
C ASN B 197 -29.77 -12.18 -11.09
N ASP B 198 -28.82 -12.99 -10.68
CA ASP B 198 -28.03 -13.85 -11.57
C ASP B 198 -28.85 -15.00 -12.21
N ALA B 199 -30.04 -15.31 -11.65
CA ALA B 199 -30.96 -16.38 -12.16
C ALA B 199 -32.24 -15.85 -12.85
N GLU B 200 -32.49 -14.54 -12.76
CA GLU B 200 -33.53 -13.89 -13.54
C GLU B 200 -33.22 -14.17 -15.03
N PRO B 201 -34.23 -14.61 -15.80
CA PRO B 201 -33.95 -14.93 -17.19
C PRO B 201 -33.48 -13.74 -18.02
N ALA B 202 -34.16 -12.60 -18.00
CA ALA B 202 -33.67 -11.50 -18.83
C ALA B 202 -32.26 -11.05 -18.45
N LYS B 203 -32.02 -10.82 -17.16
CA LYS B 203 -30.71 -10.34 -16.71
C LYS B 203 -29.62 -11.34 -16.93
N SER B 204 -29.89 -12.62 -16.73
CA SER B 204 -28.89 -13.63 -16.97
C SER B 204 -28.50 -13.65 -18.43
N GLN B 205 -29.44 -13.37 -19.30
CA GLN B 205 -29.10 -13.42 -20.73
C GLN B 205 -28.09 -12.30 -21.03
N ARG B 206 -28.33 -11.13 -20.46
CA ARG B 206 -27.41 -10.02 -20.58
C ARG B 206 -26.01 -10.29 -19.99
N ILE B 207 -25.93 -10.82 -18.79
CA ILE B 207 -24.66 -11.16 -18.17
C ILE B 207 -23.90 -12.16 -19.07
N TYR B 208 -24.62 -13.14 -19.60
CA TYR B 208 -24.02 -14.14 -20.50
C TYR B 208 -23.47 -13.43 -21.73
N ASN B 209 -24.24 -12.52 -22.29
CA ASN B 209 -23.84 -11.83 -23.50
C ASN B 209 -22.51 -11.07 -23.28
N LEU B 210 -22.38 -10.44 -22.10
CA LEU B 210 -21.20 -9.66 -21.75
C LEU B 210 -19.98 -10.55 -21.62
N VAL B 211 -20.13 -11.64 -20.92
CA VAL B 211 -19.00 -12.54 -20.74
C VAL B 211 -18.64 -13.18 -22.05
N LYS B 212 -19.64 -13.39 -22.92
CA LYS B 212 -19.41 -14.03 -24.21
C LYS B 212 -18.56 -13.15 -25.09
N ARG B 213 -18.91 -11.88 -25.11
CA ARG B 213 -18.14 -10.87 -25.82
C ARG B 213 -16.69 -10.77 -25.31
N MET B 214 -16.49 -10.92 -24.00
CA MET B 214 -15.16 -10.82 -23.46
C MET B 214 -14.39 -12.04 -23.94
N LYS B 215 -14.96 -13.22 -23.79
CA LYS B 215 -14.28 -14.41 -24.26
C LYS B 215 -13.93 -14.33 -25.76
N ASP B 216 -14.82 -13.76 -26.56
CA ASP B 216 -14.62 -13.72 -28.02
C ASP B 216 -13.51 -12.75 -28.40
N ALA B 217 -13.40 -11.67 -27.63
CA ALA B 217 -12.38 -10.66 -27.83
C ALA B 217 -11.01 -11.13 -27.36
N GLY B 218 -10.99 -12.20 -26.58
CA GLY B 218 -9.75 -12.68 -25.93
C GLY B 218 -9.38 -11.93 -24.64
N VAL B 219 -10.30 -11.14 -24.07
CA VAL B 219 -10.10 -10.59 -22.73
C VAL B 219 -10.08 -11.73 -21.71
N PRO B 220 -9.19 -11.64 -20.71
CA PRO B 220 -9.10 -12.75 -19.79
C PRO B 220 -10.23 -12.75 -18.72
N ILE B 221 -11.06 -13.78 -18.72
CA ILE B 221 -12.07 -13.94 -17.71
C ILE B 221 -12.20 -15.43 -17.54
N ASP B 222 -12.24 -15.88 -16.32
CA ASP B 222 -12.24 -17.29 -16.05
C ASP B 222 -13.57 -17.79 -15.54
N GLY B 223 -14.38 -16.90 -14.97
CA GLY B 223 -15.60 -17.33 -14.31
C GLY B 223 -16.62 -16.22 -14.09
N ILE B 224 -17.81 -16.68 -13.66
CA ILE B 224 -18.94 -15.85 -13.37
C ILE B 224 -19.35 -16.09 -11.93
N GLY B 225 -19.61 -15.00 -11.25
CA GLY B 225 -20.01 -15.01 -9.90
C GLY B 225 -21.48 -14.62 -9.79
N MET B 226 -22.24 -15.58 -9.27
CA MET B 226 -23.64 -15.45 -8.96
C MET B 226 -23.78 -15.04 -7.49
N GLN B 227 -24.10 -13.77 -7.25
CA GLN B 227 -24.23 -13.28 -5.89
C GLN B 227 -25.25 -14.07 -5.08
N ALA B 228 -26.36 -14.41 -5.69
CA ALA B 228 -27.36 -15.27 -5.07
C ALA B 228 -27.99 -14.69 -3.79
N HIS B 229 -28.32 -13.42 -3.83
CA HIS B 229 -29.15 -12.81 -2.84
C HIS B 229 -30.60 -13.17 -3.21
N TYR B 230 -31.01 -14.36 -2.79
CA TYR B 230 -32.28 -14.89 -3.11
C TYR B 230 -33.29 -14.62 -1.97
N ASN B 231 -34.50 -15.10 -2.16
CA ASN B 231 -35.49 -15.11 -1.09
C ASN B 231 -36.44 -16.33 -1.22
N VAL B 232 -37.48 -16.35 -0.41
CA VAL B 232 -38.35 -17.53 -0.30
C VAL B 232 -39.25 -17.72 -1.57
N TYR B 233 -39.79 -16.61 -2.06
CA TYR B 233 -40.61 -16.55 -3.26
C TYR B 233 -39.74 -16.60 -4.51
N GLY B 234 -38.44 -16.54 -4.25
CA GLY B 234 -37.44 -17.29 -5.01
C GLY B 234 -36.45 -16.43 -5.72
N PRO B 235 -35.63 -17.07 -6.52
CA PRO B 235 -36.16 -17.31 -7.82
C PRO B 235 -36.36 -18.84 -7.72
N THR B 236 -37.05 -19.44 -8.68
CA THR B 236 -37.41 -20.83 -8.57
C THR B 236 -36.16 -21.62 -8.74
N MET B 237 -36.16 -22.87 -8.33
CA MET B 237 -35.00 -23.69 -8.57
C MET B 237 -34.83 -23.97 -10.04
N LYS B 238 -35.91 -23.90 -10.81
CA LYS B 238 -35.76 -24.07 -12.24
C LYS B 238 -34.87 -22.94 -12.78
N GLU B 239 -35.19 -21.70 -12.42
CA GLU B 239 -34.44 -20.54 -12.90
C GLU B 239 -32.97 -20.60 -12.53
N VAL B 240 -32.68 -20.98 -11.30
CA VAL B 240 -31.29 -21.12 -10.89
C VAL B 240 -30.60 -22.20 -11.69
N ASP B 241 -31.24 -23.35 -11.91
CA ASP B 241 -30.64 -24.45 -12.69
C ASP B 241 -30.35 -24.01 -14.11
N ASP B 242 -31.29 -23.30 -14.71
CA ASP B 242 -31.17 -22.78 -16.06
C ASP B 242 -29.97 -21.85 -16.19
N ALA B 243 -29.86 -20.91 -15.24
CA ALA B 243 -28.84 -19.86 -15.34
C ALA B 243 -27.46 -20.52 -15.15
N ILE B 244 -27.33 -21.49 -14.26
CA ILE B 244 -26.07 -22.23 -14.14
C ILE B 244 -25.71 -22.93 -15.44
N LYS B 245 -26.67 -23.60 -16.07
CA LYS B 245 -26.44 -24.27 -17.36
C LYS B 245 -26.03 -23.26 -18.44
N LEU B 246 -26.72 -22.12 -18.50
CA LEU B 246 -26.39 -21.07 -19.43
C LEU B 246 -24.91 -20.66 -19.28
N TYR B 247 -24.57 -20.23 -18.07
CA TYR B 247 -23.26 -19.76 -17.76
C TYR B 247 -22.20 -20.84 -18.01
N SER B 248 -22.52 -22.09 -17.75
CA SER B 248 -21.67 -23.22 -18.14
C SER B 248 -21.25 -23.19 -19.60
N THR B 249 -22.10 -22.74 -20.51
CA THR B 249 -21.68 -22.74 -21.93
C THR B 249 -20.64 -21.68 -22.35
N VAL B 250 -20.19 -20.83 -21.41
CA VAL B 250 -19.26 -19.73 -21.74
C VAL B 250 -18.04 -19.65 -20.76
N VAL B 251 -18.17 -20.04 -19.50
CA VAL B 251 -17.03 -20.11 -18.57
C VAL B 251 -16.99 -21.50 -17.93
N ASP B 252 -15.83 -21.93 -17.43
CA ASP B 252 -15.69 -23.26 -16.78
C ASP B 252 -15.64 -23.14 -15.27
N HIS B 253 -15.97 -21.97 -14.73
CA HIS B 253 -15.93 -21.69 -13.30
C HIS B 253 -17.08 -20.79 -12.92
N ILE B 254 -17.86 -21.27 -11.96
CA ILE B 254 -18.91 -20.50 -11.38
C ILE B 254 -18.78 -20.58 -9.86
N HIS B 255 -19.01 -19.45 -9.20
CA HIS B 255 -19.12 -19.36 -7.77
C HIS B 255 -20.43 -18.71 -7.42
N LEU B 256 -21.02 -19.17 -6.33
CA LEU B 256 -22.04 -18.41 -5.64
C LEU B 256 -21.28 -17.53 -4.62
N THR B 257 -21.42 -16.22 -4.69
CA THR B 257 -20.52 -15.39 -3.99
C THR B 257 -21.04 -14.68 -2.80
N GLU B 258 -22.36 -14.54 -2.67
CA GLU B 258 -22.95 -13.81 -1.53
C GLU B 258 -24.31 -14.36 -1.07
N LEU B 259 -24.39 -15.68 -0.98
CA LEU B 259 -25.60 -16.41 -0.63
C LEU B 259 -26.22 -15.96 0.69
N ASP B 260 -27.53 -15.85 0.67
CA ASP B 260 -28.37 -15.12 1.61
C ASP B 260 -29.80 -15.54 1.16
N ILE B 261 -30.67 -15.93 2.07
CA ILE B 261 -32.09 -16.12 1.70
C ILE B 261 -33.03 -15.35 2.62
N ARG B 262 -33.34 -14.12 2.25
CA ARG B 262 -34.22 -13.27 3.00
C ARG B 262 -35.60 -13.91 3.19
N ILE B 263 -36.09 -13.89 4.41
CA ILE B 263 -37.39 -14.53 4.76
C ILE B 263 -38.64 -14.01 3.97
N ASN B 264 -38.65 -12.71 3.64
CA ASN B 264 -39.86 -11.97 3.23
C ASN B 264 -40.11 -11.60 1.75
N GLU B 265 -39.89 -10.34 1.35
CA GLU B 265 -40.75 -9.67 0.32
C GLU B 265 -40.16 -9.29 -1.11
N ASP B 266 -39.98 -7.97 -1.42
CA ASP B 266 -39.62 -7.41 -2.79
C ASP B 266 -38.12 -7.37 -3.14
N MET B 267 -37.27 -7.57 -2.13
CA MET B 267 -35.83 -7.58 -2.25
C MET B 267 -35.43 -8.50 -3.38
N GLY B 268 -35.29 -7.90 -4.53
CA GLY B 268 -34.59 -8.48 -5.65
C GLY B 268 -33.81 -7.25 -6.11
N GLY B 269 -34.13 -6.74 -7.30
CA GLY B 269 -33.63 -5.43 -7.75
C GLY B 269 -33.97 -4.21 -6.88
N GLY B 270 -35.02 -4.32 -6.06
CA GLY B 270 -35.45 -3.27 -5.15
C GLY B 270 -34.44 -2.87 -4.08
N LEU B 271 -33.76 -3.82 -3.38
CA LEU B 271 -32.46 -3.50 -2.61
C LEU B 271 -31.22 -3.96 -3.45
N ARG B 272 -30.00 -3.56 -3.04
CA ARG B 272 -28.78 -3.55 -3.95
C ARG B 272 -29.37 -2.70 -5.09
N PHE B 273 -29.77 -1.46 -4.73
CA PHE B 273 -31.01 -0.81 -5.20
C PHE B 273 -30.78 0.11 -6.39
N VAL B 280 -40.24 -14.83 13.71
CA VAL B 280 -40.31 -15.92 12.75
C VAL B 280 -41.25 -17.07 13.16
N SER B 281 -42.37 -17.13 12.46
CA SER B 281 -43.27 -18.27 12.48
C SER B 281 -42.51 -19.55 12.16
N ASP B 282 -42.94 -20.66 12.74
CA ASP B 282 -42.41 -21.98 12.34
C ASP B 282 -42.70 -22.21 10.84
N TRP B 283 -43.73 -21.54 10.32
CA TRP B 283 -44.06 -21.71 8.90
C TRP B 283 -43.00 -21.04 7.99
N GLU B 284 -42.70 -19.76 8.21
CA GLU B 284 -41.57 -19.09 7.54
C GLU B 284 -40.19 -19.83 7.62
N ARG B 285 -39.81 -20.27 8.81
CA ARG B 285 -38.57 -21.04 8.96
C ARG B 285 -38.61 -22.24 8.05
N THR B 286 -39.75 -22.89 7.98
CA THR B 286 -39.88 -24.14 7.22
C THR B 286 -39.78 -23.85 5.74
N LEU B 287 -40.35 -22.71 5.32
CA LEU B 287 -40.22 -22.24 3.94
C LEU B 287 -38.75 -22.08 3.57
N GLN B 288 -38.09 -21.32 4.43
CA GLN B 288 -36.66 -21.02 4.27
C GLN B 288 -35.83 -22.26 4.24
N GLN B 289 -36.07 -23.17 5.17
CA GLN B 289 -35.26 -24.36 5.19
C GLN B 289 -35.41 -25.10 3.90
N ASP B 290 -36.63 -25.20 3.42
CA ASP B 290 -36.85 -26.03 2.27
C ASP B 290 -36.25 -25.41 1.04
N GLN B 291 -36.23 -24.08 0.94
CA GLN B 291 -35.45 -23.38 -0.13
C GLN B 291 -33.95 -23.67 -0.07
N TYR B 292 -33.32 -23.42 1.07
CA TYR B 292 -31.90 -23.83 1.24
C TYR B 292 -31.68 -25.30 0.78
N VAL B 293 -32.61 -26.19 1.12
CA VAL B 293 -32.40 -27.63 0.91
C VAL B 293 -32.43 -27.91 -0.58
N GLN B 294 -33.35 -27.23 -1.26
CA GLN B 294 -33.52 -27.39 -2.70
C GLN B 294 -32.42 -26.69 -3.49
N LEU B 295 -32.02 -25.52 -3.02
CA LEU B 295 -30.90 -24.83 -3.63
C LEU B 295 -29.66 -25.70 -3.61
N PHE B 296 -29.34 -26.28 -2.46
CA PHE B 296 -28.11 -27.07 -2.38
C PHE B 296 -28.18 -28.37 -3.13
N LYS B 297 -29.40 -28.79 -3.48
CA LYS B 297 -29.63 -29.90 -4.39
C LYS B 297 -29.27 -29.52 -5.83
N VAL B 298 -29.75 -28.38 -6.31
CA VAL B 298 -29.32 -27.88 -7.61
C VAL B 298 -27.77 -27.72 -7.62
N LEU B 299 -27.18 -27.15 -6.56
CA LEU B 299 -25.74 -26.86 -6.55
C LEU B 299 -24.92 -28.14 -6.62
N ARG B 300 -25.27 -29.12 -5.79
CA ARG B 300 -24.56 -30.43 -5.81
C ARG B 300 -24.65 -31.08 -7.17
N LYS B 301 -25.78 -30.93 -7.87
CA LYS B 301 -25.91 -31.47 -9.22
C LYS B 301 -24.87 -30.85 -10.18
N HIS B 302 -24.50 -29.59 -9.93
CA HIS B 302 -23.54 -28.88 -10.78
C HIS B 302 -22.13 -28.74 -10.17
N LYS B 303 -21.74 -29.69 -9.33
CA LYS B 303 -20.44 -29.63 -8.69
C LYS B 303 -19.31 -29.55 -9.69
N ASP B 304 -19.61 -29.90 -10.93
CA ASP B 304 -18.61 -29.96 -12.02
C ASP B 304 -18.06 -28.59 -12.33
N VAL B 305 -18.93 -27.59 -12.41
CA VAL B 305 -18.50 -26.20 -12.59
C VAL B 305 -18.58 -25.28 -11.38
N ILE B 306 -19.32 -25.68 -10.33
CA ILE B 306 -19.38 -24.82 -9.14
C ILE B 306 -18.15 -25.18 -8.33
N ASP B 307 -17.31 -24.18 -8.04
CA ASP B 307 -16.04 -24.39 -7.30
C ASP B 307 -16.12 -24.00 -5.86
N CYS B 308 -17.07 -23.16 -5.55
CA CYS B 308 -17.16 -22.50 -4.27
C CYS B 308 -18.56 -21.88 -4.07
N VAL B 309 -19.12 -22.05 -2.88
CA VAL B 309 -20.35 -21.39 -2.50
C VAL B 309 -20.10 -20.64 -1.21
N THR B 310 -20.19 -19.31 -1.28
CA THR B 310 -19.84 -18.43 -0.18
C THR B 310 -21.09 -17.75 0.31
N PHE B 311 -21.33 -17.82 1.64
CA PHE B 311 -22.42 -17.12 2.29
C PHE B 311 -21.98 -15.71 2.60
N TRP B 312 -22.88 -14.74 2.48
CA TRP B 312 -22.56 -13.37 2.84
C TRP B 312 -22.85 -13.16 4.35
N ASN B 313 -21.79 -12.98 5.12
CA ASN B 313 -21.88 -12.82 6.58
C ASN B 313 -21.97 -14.17 7.33
N VAL B 314 -21.37 -14.17 8.51
CA VAL B 314 -21.24 -15.36 9.32
C VAL B 314 -22.61 -15.77 9.91
N SER B 315 -23.33 -14.80 10.46
CA SER B 315 -24.59 -15.07 11.15
C SER B 315 -25.56 -13.94 10.95
N ASP B 316 -26.83 -14.21 11.30
CA ASP B 316 -27.86 -13.21 11.18
C ASP B 316 -27.50 -11.90 11.89
N LYS B 317 -26.71 -12.00 12.96
CA LYS B 317 -26.15 -10.84 13.67
C LYS B 317 -25.35 -9.90 12.76
N ASP B 318 -24.59 -10.48 11.83
CA ASP B 318 -23.74 -9.71 10.91
C ASP B 318 -24.37 -9.38 9.55
N SER B 319 -25.56 -9.91 9.26
CA SER B 319 -26.19 -9.71 7.93
C SER B 319 -26.54 -8.27 7.63
N TRP B 320 -26.06 -7.86 6.44
CA TRP B 320 -26.41 -6.60 5.82
C TRP B 320 -27.91 -6.43 5.63
N LEU B 321 -28.67 -7.53 5.69
CA LEU B 321 -30.14 -7.49 5.66
C LEU B 321 -30.80 -7.26 7.03
N GLY B 322 -30.08 -7.52 8.11
CA GLY B 322 -30.68 -7.38 9.44
C GLY B 322 -31.14 -8.73 9.96
N VAL B 323 -31.23 -8.78 11.29
CA VAL B 323 -31.52 -10.02 12.02
C VAL B 323 -32.99 -10.38 11.84
N ARG B 324 -33.81 -9.33 11.69
CA ARG B 324 -35.21 -9.50 11.45
C ARG B 324 -35.51 -10.20 10.14
N ASN B 325 -34.52 -10.37 9.24
CA ASN B 325 -34.73 -11.16 7.99
C ASN B 325 -34.14 -12.53 8.01
N TYR B 326 -33.49 -12.93 9.11
CA TYR B 326 -33.18 -14.35 9.39
C TYR B 326 -32.57 -15.10 8.20
N PRO B 327 -31.55 -14.53 7.57
CA PRO B 327 -31.16 -14.97 6.25
C PRO B 327 -30.18 -16.10 6.16
N LEU B 328 -29.47 -16.41 7.24
CA LEU B 328 -28.38 -17.37 7.19
C LEU B 328 -28.64 -18.66 8.00
N LEU B 329 -27.72 -19.62 7.89
CA LEU B 329 -27.82 -20.86 8.60
C LEU B 329 -27.39 -20.79 10.09
N PHE B 330 -26.94 -19.60 10.53
CA PHE B 330 -26.48 -19.39 11.89
C PHE B 330 -27.22 -18.22 12.47
N ASP B 331 -27.75 -18.42 13.66
CA ASP B 331 -28.58 -17.42 14.36
C ASP B 331 -27.74 -16.31 14.94
N GLU B 332 -28.39 -15.33 15.57
CA GLU B 332 -27.66 -14.15 16.12
C GLU B 332 -26.71 -14.44 17.27
N ASN B 333 -26.76 -15.64 17.86
CA ASN B 333 -25.73 -16.05 18.83
C ASN B 333 -24.66 -16.93 18.22
N TYR B 334 -24.51 -16.89 16.91
CA TYR B 334 -23.52 -17.71 16.18
C TYR B 334 -23.68 -19.21 16.40
N LYS B 335 -24.94 -19.65 16.54
CA LYS B 335 -25.30 -21.08 16.67
C LYS B 335 -26.10 -21.54 15.47
N PRO B 336 -25.88 -22.79 15.04
CA PRO B 336 -26.58 -23.29 13.86
C PRO B 336 -28.10 -23.36 14.03
N LYS B 337 -28.84 -22.98 13.00
CA LYS B 337 -30.30 -23.21 12.97
C LYS B 337 -30.63 -24.61 12.45
N GLN B 338 -31.92 -24.97 12.46
CA GLN B 338 -32.38 -26.27 11.93
C GLN B 338 -31.98 -26.48 10.47
N ALA B 339 -31.98 -25.39 9.69
CA ALA B 339 -31.62 -25.46 8.29
C ALA B 339 -30.18 -25.94 8.10
N TYR B 340 -29.32 -25.60 9.07
CA TYR B 340 -27.91 -26.03 9.10
C TYR B 340 -27.76 -27.52 8.95
N ASN B 341 -28.42 -28.30 9.78
CA ASN B 341 -28.34 -29.76 9.64
C ASN B 341 -28.93 -30.30 8.35
N ALA B 342 -30.01 -29.66 7.90
CA ALA B 342 -30.69 -30.10 6.68
C ALA B 342 -29.73 -29.96 5.49
N VAL B 343 -29.02 -28.84 5.43
CA VAL B 343 -28.02 -28.55 4.39
C VAL B 343 -26.77 -29.39 4.55
N LYS B 344 -26.24 -29.46 5.78
CA LYS B 344 -25.03 -30.24 6.04
C LYS B 344 -25.15 -31.75 5.76
N ASN B 345 -26.29 -32.36 6.09
CA ASN B 345 -26.42 -33.82 6.07
C ASN B 345 -27.35 -34.35 4.99
N PHE B 346 -26.87 -34.36 3.76
CA PHE B 346 -27.63 -34.87 2.60
C PHE B 346 -27.06 -36.28 2.32
N ASP B 347 -27.70 -37.11 1.49
CA ASP B 347 -27.14 -38.48 1.20
C ASP B 347 -25.73 -38.50 0.54
#